data_1LDJ
#
_entry.id   1LDJ
#
_cell.length_a   113.974
_cell.length_b   49.968
_cell.length_c   135.883
_cell.angle_alpha   90.00
_cell.angle_beta   107.83
_cell.angle_gamma   90.00
#
_symmetry.space_group_name_H-M   'P 1 21 1'
#
loop_
_entity.id
_entity.type
_entity.pdbx_description
1 polymer 'Cullin homolog 1'
2 polymer 'ring-box protein 1'
3 non-polymer 'ZINC ION'
#
loop_
_entity_poly.entity_id
_entity_poly.type
_entity_poly.pdbx_seq_one_letter_code
_entity_poly.pdbx_strand_id
1 'polypeptide(L)'
;LDQIWDDLRAGIQQVYTRQSMAKSRYMELYTHVYNYCTSVHQSNQARGAGVPPSKSKKGQTPGGAQFVGLELYKRLKEFL
KNYLTNLLKDGEDLMDESVLKFYTQQWEDYRFSSKVLNGICAYLNRHWVRRECDEGRKGIYEIYSLALVTWRDCLFRPLN
KQVTNAVLKLIEKERNGETINTRLISGVVQSYVELGLNEDDAFAKGPTLTVYKESFESQFLADTERFYTRESTEFLQQNP
VTEYMKKAEARLLEEQRRVQVYLHESTQDELARKCEQVLIEKHLEIFHTEFQNLLDADKNEDLGRMYNLVSRIQDGLGEL
KKLLETHIHNQGLAAIEKCGEAALNDPKMYVQTVLDVHKKYNALVMSAFNNDAGFVAALDKACGRFINNNAVTKMAQSSS
KSPELLARYCDSLLKKSSKNPEEAELEDTLNQVMVVFKYIEDKDVFQKFYAKMLAKRLVHQNSASDDAEASMISKLKQAC
GFEYTSKLQRMFQDIGVSKDLNEQFKKHLTNSEPLDLDFSIQVLSSGSWPFQQSCTFALPSELERSYQRFTAFYASRHSG
RKLTWLYQLSKGELVTNCFKNRYTLQASTFQMAILLQYNTEDAYTVQQLTDSTQIKMDILAQVLQILLKSKLLVLEDENA
NVDEVELKPDTLIKLYLGYKNKKLRVNINVPMKTEQKQEQETTHKNIEEDRKLLIQAAIVRIMKMRKVLKHQQLLGEVLT
QLSSRFKPRVPVIKKCIDILIEKEYLERVDGEKDTYSYLA
;
A
2 'polypeptide(L)'
;KKRFEVKKWNAVALWAWDIVVDNCAICRNHIMDLCIECQANQASATSEECTVAWGVCNHAFHFHCISRWLKTRQVCPLDN
REWEFQKYGH
;
B
#
loop_
_chem_comp.id
_chem_comp.type
_chem_comp.name
_chem_comp.formula
ZN non-polymer 'ZINC ION' 'Zn 2'
#
# COMPACT_ATOMS: atom_id res chain seq x y z
N LEU A 1 71.62 24.17 -46.21
CA LEU A 1 71.21 23.86 -47.62
C LEU A 1 71.20 22.37 -47.91
N ASP A 2 71.27 22.02 -49.19
CA ASP A 2 71.26 20.63 -49.64
C ASP A 2 72.26 19.77 -48.87
N GLN A 3 73.47 20.29 -48.70
CA GLN A 3 74.22 19.72 -47.43
C GLN A 3 73.44 19.28 -46.20
N ILE A 4 72.69 20.24 -45.65
CA ILE A 4 72.52 19.12 -44.09
C ILE A 4 71.44 18.07 -44.40
N TRP A 5 70.51 18.42 -45.28
CA TRP A 5 69.40 17.54 -45.64
C TRP A 5 69.77 16.17 -46.18
N ASP A 6 70.98 16.04 -46.75
CA ASP A 6 71.39 14.76 -47.30
C ASP A 6 71.80 13.81 -46.17
N ASP A 7 72.42 14.35 -45.13
CA ASP A 7 72.85 13.54 -44.00
C ASP A 7 71.77 13.49 -42.92
N LEU A 8 70.89 14.49 -42.92
CA LEU A 8 69.81 14.53 -41.95
C LEU A 8 68.91 13.34 -42.24
N ARG A 9 68.60 13.15 -43.53
CA ARG A 9 67.76 12.02 -43.94
C ARG A 9 68.54 10.74 -43.67
N ALA A 10 69.86 10.83 -43.82
CA ALA A 10 70.72 9.69 -43.58
C ALA A 10 70.35 9.10 -42.23
N GLY A 11 70.22 9.98 -41.24
CA GLY A 11 69.87 9.57 -39.90
C GLY A 11 68.38 9.26 -39.71
N ILE A 12 67.53 10.16 -40.20
CA ILE A 12 66.09 9.98 -40.09
C ILE A 12 65.70 8.63 -40.67
N GLN A 13 66.41 8.22 -41.72
CA GLN A 13 66.14 6.94 -42.35
C GLN A 13 66.57 5.86 -41.35
N GLN A 14 67.40 6.25 -40.40
CA GLN A 14 67.90 5.32 -39.40
C GLN A 14 67.14 5.39 -38.08
N VAL A 15 66.66 6.58 -37.71
CA VAL A 15 65.90 6.73 -36.47
C VAL A 15 64.72 5.78 -36.45
N TYR A 16 64.32 5.29 -37.63
CA TYR A 16 63.23 4.32 -37.75
C TYR A 16 63.92 2.96 -37.82
N THR A 17 63.33 1.96 -37.19
CA THR A 17 63.93 0.62 -37.13
C THR A 17 65.29 0.84 -36.49
N ARG A 18 65.35 1.89 -35.68
CA ARG A 18 66.55 2.29 -34.96
C ARG A 18 67.40 1.12 -34.47
N GLN A 19 68.68 1.13 -34.84
CA GLN A 19 69.61 0.09 -34.41
C GLN A 19 70.26 0.60 -33.13
N SER A 20 69.45 1.20 -32.27
CA SER A 20 69.94 1.75 -31.01
C SER A 20 71.06 2.74 -31.28
N MET A 21 70.95 3.45 -32.39
CA MET A 21 71.97 4.43 -32.78
C MET A 21 72.44 5.25 -31.59
N ALA A 22 73.74 5.56 -31.56
CA ALA A 22 74.34 6.34 -30.48
C ALA A 22 73.83 7.77 -30.43
N LYS A 23 73.66 8.28 -29.22
CA LYS A 23 73.18 9.65 -29.02
C LYS A 23 74.02 10.64 -29.81
N SER A 24 75.18 10.21 -30.27
CA SER A 24 76.05 11.08 -31.03
C SER A 24 75.29 11.50 -32.28
N ARG A 25 74.52 10.56 -32.82
CA ARG A 25 73.73 10.78 -34.02
C ARG A 25 72.65 11.85 -33.80
N TYR A 26 71.82 11.65 -32.78
CA TYR A 26 70.75 12.59 -32.46
C TYR A 26 71.27 14.01 -32.26
N MET A 27 72.35 14.15 -31.49
CA MET A 27 72.95 15.46 -31.22
C MET A 27 73.27 16.17 -32.54
N GLU A 28 73.81 15.41 -33.50
CA GLU A 28 74.16 15.91 -34.83
C GLU A 28 72.88 16.35 -35.51
N LEU A 29 71.96 15.40 -35.60
CA LEU A 29 70.66 15.58 -36.22
C LEU A 29 69.98 16.83 -35.66
N TYR A 30 69.97 16.96 -34.34
CA TYR A 30 69.35 18.11 -33.71
C TYR A 30 69.95 19.36 -34.35
N THR A 31 71.27 19.49 -34.26
CA THR A 31 71.84 20.89 -34.46
C THR A 31 71.88 20.90 -36.00
N HIS A 32 71.80 19.72 -36.60
CA HIS A 32 71.79 19.58 -38.06
C HIS A 32 70.64 20.45 -38.54
N VAL A 33 69.54 20.37 -37.78
CA VAL A 33 68.32 21.12 -38.04
C VAL A 33 68.40 22.53 -37.48
N TYR A 34 68.96 22.66 -36.27
CA TYR A 34 69.10 23.97 -35.64
C TYR A 34 69.59 24.98 -36.67
N ASN A 35 70.65 24.59 -37.38
CA ASN A 35 71.26 25.41 -38.40
C ASN A 35 70.43 25.49 -39.68
N TYR A 36 69.87 24.35 -40.09
CA TYR A 36 69.06 24.29 -41.30
C TYR A 36 67.94 25.32 -41.29
N CYS A 37 67.58 25.78 -40.09
CA CYS A 37 66.52 26.77 -39.92
C CYS A 37 67.12 28.16 -39.77
N THR A 38 68.45 28.23 -39.83
CA THR A 38 69.19 29.48 -39.69
C THR A 38 70.31 29.55 -40.74
N SER A 39 70.06 30.23 -41.86
CA SER A 39 71.05 30.36 -42.93
C SER A 39 70.90 31.64 -43.77
N VAL A 68 61.09 31.59 -44.50
CA VAL A 68 62.42 31.28 -43.88
C VAL A 68 62.82 29.84 -44.18
N GLY A 69 63.52 29.22 -43.24
CA GLY A 69 63.94 27.83 -43.40
C GLY A 69 62.74 26.93 -43.58
N LEU A 70 61.60 27.57 -43.81
CA LEU A 70 60.32 26.91 -44.05
C LEU A 70 60.52 25.61 -44.79
N GLU A 71 61.32 25.67 -45.85
CA GLU A 71 61.62 24.50 -46.68
C GLU A 71 61.79 23.22 -45.88
N LEU A 72 62.60 23.30 -44.82
CA LEU A 72 62.88 22.14 -43.99
C LEU A 72 61.64 21.30 -43.71
N TYR A 73 60.59 21.93 -43.19
CA TYR A 73 59.36 21.19 -42.92
C TYR A 73 58.94 20.54 -44.23
N LYS A 74 58.95 21.36 -45.29
CA LYS A 74 58.56 20.92 -46.63
C LYS A 74 59.32 19.66 -47.03
N ARG A 75 60.56 19.57 -46.58
CA ARG A 75 61.41 18.43 -46.86
C ARG A 75 60.94 17.26 -46.00
N LEU A 76 60.80 17.52 -44.71
CA LEU A 76 60.37 16.53 -43.74
C LEU A 76 59.04 15.91 -44.16
N LYS A 77 58.01 16.73 -44.31
CA LYS A 77 56.71 16.24 -44.71
C LYS A 77 56.86 15.31 -45.91
N GLU A 78 57.64 15.77 -46.89
CA GLU A 78 57.89 14.99 -48.09
C GLU A 78 58.50 13.65 -47.71
N PHE A 79 59.57 13.68 -46.93
CA PHE A 79 60.22 12.44 -46.52
C PHE A 79 59.20 11.48 -45.91
N LEU A 80 58.42 11.98 -44.95
CA LEU A 80 57.42 11.15 -44.30
C LEU A 80 56.45 10.66 -45.37
N LYS A 81 55.93 11.60 -46.14
CA LYS A 81 54.74 11.33 -46.99
C LYS A 81 55.20 10.23 -47.93
N ASN A 82 56.51 10.16 -48.16
CA ASN A 82 57.09 9.16 -49.05
C ASN A 82 57.30 7.82 -48.35
N TYR A 83 57.93 7.86 -47.16
CA TYR A 83 58.39 6.60 -46.53
C TYR A 83 57.17 5.71 -46.40
N LEU A 84 56.08 6.27 -45.88
CA LEU A 84 54.84 5.51 -45.69
C LEU A 84 54.29 4.96 -46.99
N THR A 85 54.26 5.76 -48.05
CA THR A 85 53.75 5.31 -49.35
C THR A 85 54.47 4.01 -49.69
N ASN A 86 55.77 4.00 -49.39
CA ASN A 86 56.63 2.85 -49.63
C ASN A 86 56.30 1.77 -48.62
N LEU A 87 55.99 2.19 -47.39
CA LEU A 87 55.64 1.24 -46.34
C LEU A 87 54.38 0.48 -46.76
N LEU A 88 53.40 1.22 -47.26
CA LEU A 88 52.14 0.65 -47.73
C LEU A 88 52.39 -0.40 -48.81
N LYS A 89 53.40 -0.14 -49.65
CA LYS A 89 53.79 -1.03 -50.73
C LYS A 89 53.98 -2.42 -50.14
N ASP A 90 54.53 -2.46 -48.94
CA ASP A 90 54.75 -3.71 -48.22
C ASP A 90 53.47 -4.02 -47.46
N GLY A 91 53.05 -5.29 -47.44
CA GLY A 91 51.82 -5.65 -46.77
C GLY A 91 50.65 -5.10 -47.55
N GLU A 92 50.99 -4.41 -48.64
CA GLU A 92 50.02 -3.79 -49.53
C GLU A 92 48.86 -4.71 -49.86
N ASP A 93 47.65 -4.19 -49.68
CA ASP A 93 46.43 -4.94 -49.96
C ASP A 93 46.56 -6.39 -49.46
N LEU A 94 46.46 -6.55 -48.14
CA LEU A 94 46.55 -7.87 -47.50
C LEU A 94 45.78 -7.83 -46.19
N MET A 95 44.52 -7.79 -46.45
CA MET A 95 43.70 -7.87 -45.40
C MET A 95 43.79 -9.19 -44.62
N ASP A 96 43.30 -10.45 -44.72
CA ASP A 96 43.67 -10.66 -43.26
C ASP A 96 44.09 -11.78 -42.31
N GLU A 97 44.36 -11.06 -41.15
CA GLU A 97 44.93 -11.26 -39.83
C GLU A 97 46.25 -11.86 -40.29
N SER A 98 46.74 -11.22 -41.35
CA SER A 98 47.73 -10.11 -42.03
C SER A 98 48.02 -8.70 -41.54
N VAL A 99 47.11 -7.78 -41.85
CA VAL A 99 47.25 -6.41 -41.41
C VAL A 99 47.34 -6.46 -39.89
N LEU A 100 46.65 -7.41 -39.30
CA LEU A 100 46.68 -7.60 -37.85
C LEU A 100 48.14 -7.65 -37.40
N LYS A 101 48.77 -8.80 -37.59
CA LYS A 101 50.16 -9.03 -37.22
C LYS A 101 51.03 -7.89 -37.75
N PHE A 102 50.52 -7.21 -38.77
CA PHE A 102 51.24 -6.11 -39.39
C PHE A 102 50.85 -4.74 -38.84
N TYR A 103 49.56 -4.55 -38.60
CA TYR A 103 49.33 -2.84 -39.00
C TYR A 103 49.69 -2.45 -37.59
N THR A 104 49.49 -3.39 -36.66
CA THR A 104 49.84 -3.13 -35.28
C THR A 104 51.31 -2.72 -35.24
N GLN A 105 52.17 -3.64 -35.69
CA GLN A 105 53.62 -3.52 -35.31
C GLN A 105 54.05 -2.29 -36.10
N GLN A 106 53.57 -2.18 -37.32
CA GLN A 106 53.95 -1.04 -38.16
C GLN A 106 53.65 0.29 -37.50
N TRP A 107 52.39 0.52 -37.16
CA TRP A 107 52.00 1.77 -36.50
C TRP A 107 52.89 1.95 -35.29
N GLU A 108 53.15 0.85 -34.60
CA GLU A 108 53.99 0.86 -33.42
C GLU A 108 55.33 1.54 -33.75
N ASP A 109 56.04 0.97 -34.71
CA ASP A 109 57.56 1.27 -34.69
C ASP A 109 57.56 2.65 -35.34
N TYR A 110 56.51 2.96 -36.08
CA TYR A 110 56.41 4.27 -36.74
C TYR A 110 56.24 5.35 -35.68
N ARG A 111 55.29 5.12 -34.78
CA ARG A 111 54.98 6.03 -33.68
C ARG A 111 56.22 6.51 -32.96
N PHE A 112 56.86 5.57 -32.27
CA PHE A 112 58.08 5.83 -31.52
C PHE A 112 59.03 6.72 -32.31
N SER A 113 59.34 6.27 -33.53
CA SER A 113 60.24 6.99 -34.43
C SER A 113 59.75 8.41 -34.68
N SER A 114 58.47 8.55 -35.03
CA SER A 114 57.89 9.86 -35.28
C SER A 114 58.05 10.69 -34.03
N LYS A 115 57.95 10.02 -32.88
CA LYS A 115 58.08 10.67 -31.59
C LYS A 115 59.50 11.19 -31.47
N VAL A 116 60.46 10.30 -31.70
CA VAL A 116 61.88 10.65 -31.63
C VAL A 116 62.19 11.75 -32.64
N LEU A 117 61.55 11.71 -33.81
CA LEU A 117 61.77 12.70 -34.84
C LEU A 117 61.30 14.08 -34.40
N ASN A 118 60.20 14.15 -33.66
CA ASN A 118 59.71 15.44 -33.19
C ASN A 118 60.73 15.97 -32.20
N GLY A 119 61.21 15.10 -31.32
CA GLY A 119 62.19 15.50 -30.32
C GLY A 119 63.38 16.13 -31.01
N ILE A 120 63.68 15.64 -32.20
CA ILE A 120 64.79 16.14 -32.98
C ILE A 120 64.45 17.51 -33.58
N CYS A 121 63.33 17.59 -34.30
CA CYS A 121 62.93 18.82 -34.94
C CYS A 121 62.50 19.83 -33.97
N ALA A 122 62.85 19.63 -32.76
CA ALA A 122 62.31 20.50 -31.74
C ALA A 122 62.50 21.97 -32.03
N TYR A 123 63.68 22.31 -32.44
CA TYR A 123 63.95 23.72 -32.69
C TYR A 123 62.98 24.24 -33.74
N LEU A 124 62.71 23.41 -34.74
CA LEU A 124 61.80 23.77 -35.81
C LEU A 124 60.47 24.16 -35.21
N ASN A 125 59.81 23.20 -34.55
CA ASN A 125 58.51 23.38 -33.90
C ASN A 125 58.46 24.65 -33.09
N ARG A 126 59.61 25.16 -32.67
CA ARG A 126 59.55 26.39 -31.89
C ARG A 126 59.46 27.65 -32.64
N HIS A 127 60.49 28.04 -33.22
CA HIS A 127 60.37 29.30 -33.82
C HIS A 127 59.72 29.36 -35.15
N TRP A 128 59.10 28.29 -35.46
CA TRP A 128 58.47 28.09 -36.72
C TRP A 128 57.27 27.31 -36.22
N VAL A 129 56.08 27.55 -36.63
CA VAL A 129 54.88 27.20 -35.72
C VAL A 129 55.03 27.81 -34.32
N ARG A 130 55.33 29.10 -34.61
CA ARG A 130 54.18 29.92 -33.33
C ARG A 130 53.85 31.01 -34.32
N ARG A 131 54.68 31.08 -35.38
CA ARG A 131 54.50 32.04 -36.47
C ARG A 131 53.28 31.61 -37.27
N GLU A 132 52.19 32.34 -37.04
CA GLU A 132 50.85 31.80 -37.43
C GLU A 132 50.21 33.15 -37.72
N CYS A 133 50.88 34.21 -37.30
CA CYS A 133 49.45 35.02 -35.97
C CYS A 133 48.56 35.70 -37.01
N TYR A 141 51.45 23.44 -36.21
CA TYR A 141 51.91 22.66 -37.39
C TYR A 141 53.16 21.84 -37.02
N GLU A 142 53.15 21.28 -35.81
CA GLU A 142 54.28 20.47 -35.33
C GLU A 142 54.64 19.38 -36.33
N ILE A 143 55.76 18.71 -36.06
CA ILE A 143 56.23 17.64 -36.91
C ILE A 143 55.58 16.30 -36.51
N TYR A 144 55.64 15.94 -35.23
CA TYR A 144 55.02 14.68 -34.82
C TYR A 144 53.61 14.62 -35.35
N SER A 145 52.87 15.71 -35.17
CA SER A 145 51.50 15.77 -35.67
C SER A 145 51.61 15.40 -37.14
N LEU A 146 52.48 16.12 -37.85
CA LEU A 146 52.69 15.86 -39.27
C LEU A 146 52.90 14.37 -39.47
N ALA A 147 53.62 13.74 -38.54
CA ALA A 147 53.88 12.31 -38.64
C ALA A 147 52.58 11.52 -38.68
N LEU A 148 51.63 11.88 -37.81
CA LEU A 148 50.34 11.21 -37.71
C LEU A 148 49.46 11.46 -38.93
N VAL A 149 49.29 12.73 -39.25
CA VAL A 149 48.51 13.16 -40.41
C VAL A 149 49.03 12.32 -41.57
N THR A 150 50.35 12.35 -41.72
CA THR A 150 51.07 11.60 -42.73
C THR A 150 50.73 10.11 -42.66
N TRP A 151 50.24 9.65 -41.52
CA TRP A 151 49.90 8.25 -41.39
C TRP A 151 48.46 7.99 -41.76
N ARG A 152 47.57 8.95 -41.53
CA ARG A 152 46.19 8.72 -41.92
C ARG A 152 46.15 8.78 -43.45
N ASP A 153 47.34 8.64 -44.03
CA ASP A 153 47.58 8.59 -45.48
C ASP A 153 48.29 7.27 -45.72
N CYS A 154 47.81 6.31 -44.93
CA CYS A 154 48.19 4.91 -44.89
C CYS A 154 46.86 4.33 -44.40
N LEU A 155 46.08 5.23 -43.79
CA LEU A 155 44.74 4.94 -43.27
C LEU A 155 43.81 5.18 -44.45
N PHE A 156 43.95 6.34 -45.07
CA PHE A 156 43.16 6.73 -46.24
C PHE A 156 43.56 5.82 -47.39
N ARG A 157 43.79 4.63 -46.98
CA ARG A 157 44.09 3.56 -47.77
C ARG A 157 43.95 2.43 -46.77
N PRO A 158 44.58 1.35 -47.25
CA PRO A 158 44.19 0.09 -46.71
C PRO A 158 43.99 0.15 -45.26
N LEU A 159 44.42 1.18 -44.60
CA LEU A 159 44.15 0.98 -43.21
C LEU A 159 43.20 1.81 -42.52
N ASN A 160 42.05 1.54 -42.96
CA ASN A 160 40.86 2.15 -42.55
C ASN A 160 39.77 1.16 -42.90
N LYS A 161 40.11 0.38 -43.96
CA LYS A 161 39.04 -0.38 -44.67
C LYS A 161 39.39 -1.81 -44.38
N GLN A 162 40.12 -2.48 -45.12
CA GLN A 162 40.22 -3.83 -44.73
C GLN A 162 40.83 -4.07 -43.31
N VAL A 163 41.50 -3.17 -42.69
CA VAL A 163 42.10 -3.63 -41.42
C VAL A 163 41.07 -3.78 -40.31
N THR A 164 40.22 -2.79 -40.30
CA THR A 164 39.13 -2.73 -39.34
C THR A 164 38.33 -4.02 -39.55
N ASN A 165 37.99 -4.29 -40.81
CA ASN A 165 37.22 -5.48 -41.17
C ASN A 165 37.95 -6.76 -40.77
N ALA A 166 39.25 -6.78 -41.00
CA ALA A 166 39.96 -7.74 -39.83
C ALA A 166 39.78 -7.81 -38.32
N VAL A 167 39.61 -6.64 -37.71
CA VAL A 167 39.41 -6.55 -36.28
C VAL A 167 38.10 -7.24 -35.97
N LEU A 168 37.08 -6.89 -36.73
CA LEU A 168 35.76 -7.48 -36.56
C LEU A 168 35.86 -8.99 -36.69
N LYS A 169 36.73 -9.45 -37.59
CA LYS A 169 36.92 -10.88 -37.78
C LYS A 169 37.44 -11.52 -36.50
N LEU A 170 38.29 -10.79 -35.79
CA LEU A 170 38.84 -11.28 -34.52
C LEU A 170 37.77 -11.14 -33.45
N ILE A 171 37.16 -9.96 -33.40
CA ILE A 171 36.12 -9.69 -32.43
C ILE A 171 35.02 -10.74 -32.56
N GLU A 172 34.75 -11.17 -33.78
CA GLU A 172 33.72 -12.19 -33.99
C GLU A 172 34.02 -13.42 -33.14
N LYS A 173 35.15 -13.40 -32.46
CA LYS A 173 35.50 -14.51 -31.58
C LYS A 173 34.86 -14.27 -30.22
N GLU A 174 33.67 -13.69 -30.27
CA GLU A 174 32.88 -13.41 -29.08
C GLU A 174 32.28 -14.77 -28.72
N ARG A 175 32.32 -15.56 -29.72
CA ARG A 175 31.68 -16.82 -29.51
C ARG A 175 32.68 -17.71 -28.79
N ASN A 176 33.93 -17.70 -29.31
CA ASN A 176 34.91 -18.60 -28.80
C ASN A 176 36.33 -18.56 -29.33
N GLY A 177 37.24 -18.87 -28.45
CA GLY A 177 38.50 -19.19 -29.23
C GLY A 177 39.75 -18.77 -28.62
N GLU A 178 40.67 -19.74 -28.23
CA GLU A 178 41.47 -18.73 -27.87
C GLU A 178 42.83 -18.44 -27.96
N THR A 179 43.97 -18.74 -28.22
CA THR A 179 43.45 -17.33 -28.36
C THR A 179 43.82 -16.07 -29.06
N ILE A 180 42.72 -15.30 -28.88
CA ILE A 180 42.40 -14.05 -29.55
C ILE A 180 43.52 -13.06 -29.56
N ASN A 181 44.27 -12.91 -28.48
CA ASN A 181 45.36 -11.96 -28.38
C ASN A 181 44.83 -10.55 -28.63
N THR A 182 44.27 -9.98 -27.57
CA THR A 182 43.69 -8.65 -27.59
C THR A 182 44.68 -7.65 -28.16
N ARG A 183 45.95 -7.84 -27.82
CA ARG A 183 47.04 -6.97 -28.27
C ARG A 183 46.94 -6.68 -29.76
N LEU A 184 46.42 -7.66 -30.49
CA LEU A 184 46.25 -7.55 -31.95
C LEU A 184 45.25 -6.47 -32.34
N ILE A 185 44.30 -6.19 -31.45
CA ILE A 185 43.27 -5.19 -31.69
C ILE A 185 43.52 -3.89 -30.93
N SER A 186 44.12 -4.00 -29.75
CA SER A 186 44.42 -2.82 -28.94
C SER A 186 45.20 -1.81 -29.78
N GLY A 187 46.32 -2.24 -30.34
CA GLY A 187 47.14 -1.36 -31.16
C GLY A 187 46.31 -0.75 -32.27
N VAL A 188 45.60 -1.62 -32.98
CA VAL A 188 44.73 -1.18 -34.06
C VAL A 188 43.87 -0.03 -33.55
N VAL A 189 43.06 -0.33 -32.54
CA VAL A 189 42.16 0.66 -31.91
C VAL A 189 42.88 1.94 -31.54
N GLN A 190 43.99 1.81 -30.82
CA GLN A 190 44.50 3.01 -30.05
C GLN A 190 44.99 3.84 -31.23
N SER A 191 45.25 3.19 -32.35
CA SER A 191 45.72 3.89 -33.52
C SER A 191 44.64 4.86 -33.97
N TYR A 192 43.42 4.33 -34.19
CA TYR A 192 42.45 5.14 -35.04
C TYR A 192 42.16 6.26 -34.05
N VAL A 193 42.09 5.90 -32.78
CA VAL A 193 41.82 6.87 -31.73
C VAL A 193 42.83 8.00 -31.93
N GLU A 194 44.10 7.65 -31.80
CA GLU A 194 45.20 8.61 -31.94
C GLU A 194 45.17 9.40 -33.24
N LEU A 195 44.90 8.73 -34.36
CA LEU A 195 44.85 9.41 -35.65
C LEU A 195 43.63 10.33 -35.69
N GLY A 196 42.88 10.59 -34.52
CA GLY A 196 41.69 11.50 -34.28
C GLY A 196 42.01 12.87 -34.77
N LEU A 197 41.12 13.75 -35.26
CA LEU A 197 41.95 14.59 -36.01
C LEU A 197 42.07 16.04 -36.04
N ASN A 198 43.40 15.93 -36.17
CA ASN A 198 44.60 16.68 -36.25
C ASN A 198 44.95 17.49 -37.54
N GLU A 199 44.37 17.54 -38.49
CA GLU A 199 44.46 18.54 -39.54
C GLU A 199 43.69 19.80 -39.16
N ASP A 200 44.51 20.70 -38.56
CA ASP A 200 43.98 21.91 -38.00
C ASP A 200 42.99 22.61 -37.11
N ASP A 201 42.60 21.98 -35.98
CA ASP A 201 41.73 22.54 -34.98
C ASP A 201 42.52 23.02 -33.78
N ALA A 202 43.13 23.26 -32.84
CA ALA A 202 44.60 23.18 -32.58
C ALA A 202 44.82 22.19 -31.58
N PHE A 203 44.94 22.55 -30.39
CA PHE A 203 44.63 21.26 -30.04
C PHE A 203 43.23 21.20 -29.67
N ALA A 204 42.95 19.98 -29.88
CA ALA A 204 41.71 19.26 -29.72
C ALA A 204 41.12 19.31 -28.32
N LYS A 205 40.01 20.08 -28.23
CA LYS A 205 39.30 20.30 -26.99
C LYS A 205 38.76 19.01 -26.37
N GLY A 206 37.91 18.30 -27.09
CA GLY A 206 37.42 17.08 -26.49
C GLY A 206 38.25 15.96 -27.09
N PRO A 207 37.95 14.69 -26.80
CA PRO A 207 38.66 13.55 -27.39
C PRO A 207 38.66 13.59 -28.92
N THR A 208 39.81 13.23 -29.50
CA THR A 208 40.03 13.26 -30.96
C THR A 208 39.08 12.45 -31.76
N LEU A 209 38.31 11.66 -31.27
CA LEU A 209 37.79 10.32 -31.53
C LEU A 209 36.78 10.27 -32.68
N THR A 210 37.09 11.00 -33.73
CA THR A 210 36.21 11.06 -34.91
C THR A 210 36.54 9.84 -35.78
N VAL A 211 37.80 9.59 -36.05
CA VAL A 211 38.29 8.40 -36.74
C VAL A 211 37.86 7.12 -36.07
N TYR A 212 38.01 7.03 -34.74
CA TYR A 212 37.65 5.83 -34.03
C TYR A 212 36.26 5.33 -34.39
N LYS A 213 35.26 6.17 -34.14
CA LYS A 213 33.87 5.83 -34.41
C LYS A 213 33.64 5.54 -35.88
N GLU A 214 33.83 6.58 -36.70
CA GLU A 214 33.62 6.50 -38.14
C GLU A 214 34.46 5.49 -38.90
N SER A 215 35.62 5.13 -38.36
CA SER A 215 36.48 4.16 -39.03
C SER A 215 36.35 2.79 -38.38
N PHE A 216 35.88 2.78 -37.12
CA PHE A 216 35.73 1.53 -36.38
C PHE A 216 34.44 1.40 -35.61
N GLU A 217 34.27 2.20 -34.55
CA GLU A 217 33.07 2.09 -33.73
C GLU A 217 31.83 1.80 -34.54
N SER A 218 31.57 2.60 -35.56
CA SER A 218 30.40 2.39 -36.41
C SER A 218 30.44 0.98 -36.98
N GLN A 219 31.53 0.67 -37.67
CA GLN A 219 31.73 -0.64 -38.28
C GLN A 219 31.80 -1.75 -37.24
N PHE A 220 31.95 -1.39 -35.97
CA PHE A 220 32.03 -2.37 -34.89
C PHE A 220 30.64 -2.77 -34.41
N LEU A 221 29.89 -1.76 -33.98
CA LEU A 221 28.54 -1.95 -33.47
C LEU A 221 27.70 -2.74 -34.47
N ALA A 222 27.50 -2.16 -35.65
CA ALA A 222 26.72 -2.79 -36.72
C ALA A 222 27.02 -4.27 -36.89
N ASP A 223 28.31 -4.62 -36.85
CA ASP A 223 28.70 -6.01 -37.02
C ASP A 223 28.46 -6.85 -35.76
N THR A 224 28.51 -6.20 -34.61
CA THR A 224 28.28 -6.88 -33.34
C THR A 224 26.82 -7.25 -33.17
N GLU A 225 25.94 -6.32 -33.54
CA GLU A 225 24.50 -6.53 -33.43
C GLU A 225 24.08 -7.83 -34.12
N ARG A 226 24.36 -7.93 -35.42
CA ARG A 226 24.00 -9.11 -36.20
C ARG A 226 24.42 -10.40 -35.51
N PHE A 227 25.59 -10.38 -34.87
CA PHE A 227 26.08 -11.55 -34.16
C PHE A 227 24.97 -12.07 -33.27
N TYR A 228 24.63 -11.28 -32.26
CA TYR A 228 23.58 -11.66 -31.32
C TYR A 228 22.20 -11.70 -31.95
N THR A 229 21.95 -10.83 -32.92
CA THR A 229 20.65 -10.82 -33.57
C THR A 229 20.45 -12.18 -34.22
N ARG A 230 21.55 -12.84 -34.56
CA ARG A 230 21.47 -14.17 -35.13
C ARG A 230 21.39 -15.16 -33.98
N GLU A 231 22.20 -14.94 -32.95
CA GLU A 231 22.22 -15.83 -31.79
C GLU A 231 20.98 -15.70 -30.90
N SER A 232 20.36 -14.53 -30.93
CA SER A 232 19.15 -14.31 -30.14
C SER A 232 18.10 -15.19 -30.77
N THR A 233 17.78 -14.89 -32.02
CA THR A 233 16.79 -15.64 -32.77
C THR A 233 17.24 -17.09 -32.90
N GLU A 234 18.40 -17.37 -32.59
CA GLU A 234 18.80 -18.67 -32.83
C GLU A 234 18.44 -19.32 -31.61
N PHE A 235 18.86 -18.62 -30.60
CA PHE A 235 18.53 -19.24 -29.38
C PHE A 235 17.11 -19.16 -29.16
N LEU A 236 16.57 -18.01 -29.52
CA LEU A 236 15.21 -17.82 -29.20
C LEU A 236 14.41 -19.05 -29.51
N GLN A 237 14.75 -19.76 -30.57
CA GLN A 237 13.96 -20.91 -30.90
C GLN A 237 14.51 -22.22 -30.45
N GLN A 238 15.79 -22.31 -30.40
CA GLN A 238 16.24 -23.50 -29.87
C GLN A 238 16.47 -23.44 -28.39
N ASN A 239 16.85 -22.37 -27.75
CA ASN A 239 16.75 -22.69 -26.35
C ASN A 239 15.75 -21.77 -25.57
N PRO A 240 15.75 -22.23 -24.36
CA PRO A 240 14.78 -21.89 -23.29
C PRO A 240 14.40 -20.45 -22.99
N VAL A 241 13.13 -20.17 -22.64
CA VAL A 241 12.96 -18.80 -22.16
C VAL A 241 13.63 -18.97 -20.83
N THR A 242 14.04 -20.30 -20.47
CA THR A 242 15.14 -20.21 -19.45
C THR A 242 16.24 -21.17 -19.36
N GLU A 243 16.97 -20.42 -20.13
CA GLU A 243 18.35 -20.44 -20.54
C GLU A 243 18.65 -19.57 -21.77
N TYR A 244 17.87 -18.46 -21.88
CA TYR A 244 18.08 -17.38 -22.87
C TYR A 244 18.61 -16.18 -22.04
N MET A 245 17.77 -15.64 -21.16
CA MET A 245 18.18 -14.52 -20.31
C MET A 245 19.50 -14.85 -19.63
N LYS A 246 19.56 -16.04 -19.04
CA LYS A 246 20.75 -16.52 -18.33
C LYS A 246 22.00 -16.28 -19.17
N LYS A 247 21.86 -16.46 -20.47
CA LYS A 247 22.96 -16.27 -21.42
C LYS A 247 23.05 -14.81 -21.87
N ALA A 248 21.90 -14.20 -22.15
CA ALA A 248 21.96 -12.94 -22.99
C ALA A 248 22.40 -12.01 -21.87
N GLU A 249 22.30 -12.51 -20.65
CA GLU A 249 22.70 -11.77 -19.47
C GLU A 249 24.22 -11.69 -19.48
N ALA A 250 24.85 -12.86 -19.51
CA ALA A 250 26.30 -12.99 -19.50
C ALA A 250 26.96 -12.26 -20.66
N ARG A 251 26.47 -12.48 -21.87
CA ARG A 251 27.04 -11.84 -23.06
C ARG A 251 27.08 -10.32 -22.93
N LEU A 252 26.02 -9.75 -22.38
CA LEU A 252 25.98 -8.31 -22.18
C LEU A 252 27.23 -7.99 -21.36
N LEU A 253 27.46 -8.78 -20.33
CA LEU A 253 28.62 -8.61 -19.46
C LEU A 253 29.89 -8.70 -20.29
N GLU A 254 29.99 -9.75 -21.11
CA GLU A 254 31.15 -9.92 -21.97
C GLU A 254 31.40 -8.65 -22.75
N GLU A 255 30.40 -8.24 -23.55
CA GLU A 255 30.51 -7.03 -24.35
C GLU A 255 31.05 -5.85 -23.54
N GLN A 256 30.73 -5.83 -22.25
CA GLN A 256 31.22 -4.78 -21.37
C GLN A 256 32.70 -5.05 -21.12
N ARG A 257 33.02 -6.33 -20.95
CA ARG A 257 34.40 -6.76 -20.72
C ARG A 257 35.25 -6.37 -21.92
N ARG A 258 34.86 -6.84 -23.11
CA ARG A 258 35.60 -6.55 -24.33
C ARG A 258 35.67 -5.09 -24.75
N VAL A 259 35.43 -4.19 -23.80
CA VAL A 259 35.50 -2.76 -24.07
C VAL A 259 36.48 -2.16 -23.09
N GLN A 260 36.87 -2.93 -22.10
CA GLN A 260 37.80 -2.48 -21.09
C GLN A 260 39.14 -3.05 -21.47
N VAL A 261 39.28 -3.44 -22.66
CA VAL A 261 40.53 -4.03 -22.96
C VAL A 261 40.74 -3.81 -24.38
N TYR A 262 39.56 -3.48 -25.19
CA TYR A 262 39.42 -3.11 -26.72
C TYR A 262 38.40 -2.10 -27.05
N LEU A 263 38.64 -1.21 -26.25
CA LEU A 263 37.93 -0.12 -26.16
C LEU A 263 38.21 1.03 -27.02
N HIS A 264 37.85 1.87 -26.08
CA HIS A 264 37.74 3.23 -25.82
C HIS A 264 36.51 3.33 -24.96
N GLU A 265 36.36 4.43 -24.37
CA GLU A 265 35.46 4.57 -23.25
C GLU A 265 33.94 4.44 -23.39
N SER A 266 33.40 5.02 -24.44
CA SER A 266 31.96 4.88 -24.61
C SER A 266 31.74 4.48 -26.01
N THR A 267 31.56 3.26 -26.00
CA THR A 267 31.27 2.38 -27.05
C THR A 267 30.62 1.24 -26.35
N GLN A 268 30.73 1.46 -25.09
CA GLN A 268 30.18 0.66 -24.00
C GLN A 268 28.73 1.01 -23.73
N ASP A 269 28.50 2.27 -23.43
CA ASP A 269 27.09 2.41 -23.33
C ASP A 269 26.42 2.33 -24.68
N GLU A 270 27.05 3.02 -25.69
CA GLU A 270 26.55 2.90 -27.06
C GLU A 270 26.59 1.46 -27.54
N LEU A 271 27.66 0.75 -27.13
CA LEU A 271 27.79 -0.68 -27.42
C LEU A 271 26.65 -1.39 -26.69
N ALA A 272 26.52 -1.08 -25.40
CA ALA A 272 25.48 -1.66 -24.54
C ALA A 272 24.07 -1.29 -24.98
N ARG A 273 23.81 0.01 -25.08
CA ARG A 273 22.54 0.50 -25.53
C ARG A 273 22.09 -0.35 -26.71
N LYS A 274 23.06 -0.81 -27.49
CA LYS A 274 22.85 -1.63 -28.70
C LYS A 274 22.56 -3.08 -28.36
N CYS A 275 23.37 -3.68 -27.50
CA CYS A 275 23.30 -5.16 -27.35
C CYS A 275 22.01 -5.29 -26.56
N GLU A 276 21.66 -4.27 -25.81
CA GLU A 276 20.44 -4.29 -25.02
C GLU A 276 19.22 -4.40 -25.91
N GLN A 277 19.11 -3.46 -26.88
CA GLN A 277 18.04 -3.46 -27.83
C GLN A 277 17.96 -4.84 -28.52
N VAL A 278 19.09 -5.49 -28.75
CA VAL A 278 19.10 -6.80 -29.44
C VAL A 278 18.76 -8.00 -28.57
N LEU A 279 19.12 -7.94 -27.30
CA LEU A 279 18.83 -9.06 -26.39
C LEU A 279 17.50 -8.77 -25.70
N ILE A 280 17.43 -7.68 -24.95
CA ILE A 280 16.19 -7.26 -24.33
C ILE A 280 15.46 -6.32 -25.34
N GLU A 281 14.11 -6.23 -25.27
CA GLU A 281 13.21 -5.25 -25.99
C GLU A 281 12.76 -5.32 -27.49
N LYS A 282 13.19 -6.27 -28.25
CA LYS A 282 12.69 -6.47 -29.58
C LYS A 282 12.34 -7.89 -29.36
N HIS A 283 12.57 -8.27 -28.12
CA HIS A 283 12.31 -9.60 -27.61
C HIS A 283 11.29 -9.52 -26.48
N LEU A 284 10.81 -8.31 -26.21
CA LEU A 284 9.79 -8.12 -25.19
C LEU A 284 8.49 -8.86 -25.43
N GLU A 285 8.16 -9.17 -25.94
CA GLU A 285 6.90 -9.85 -26.26
C GLU A 285 7.39 -11.28 -26.32
N ILE A 286 8.18 -11.54 -26.23
CA ILE A 286 8.81 -12.84 -26.30
C ILE A 286 9.30 -13.03 -24.87
N PHE A 287 9.16 -11.97 -24.09
CA PHE A 287 9.54 -11.95 -22.68
C PHE A 287 8.30 -11.81 -21.82
N HIS A 288 7.31 -11.07 -22.32
CA HIS A 288 6.06 -10.88 -21.59
C HIS A 288 5.34 -12.21 -21.41
N THR A 289 5.21 -12.97 -22.50
CA THR A 289 4.55 -14.26 -22.44
C THR A 289 5.29 -15.19 -21.51
N GLU A 290 6.62 -15.04 -21.47
CA GLU A 290 7.43 -15.88 -20.59
C GLU A 290 7.28 -15.42 -19.14
N PHE A 291 7.36 -14.10 -18.92
CA PHE A 291 7.21 -13.51 -17.58
C PHE A 291 5.99 -14.09 -16.89
N GLN A 292 4.86 -14.07 -17.60
CA GLN A 292 3.61 -14.60 -17.08
C GLN A 292 3.77 -16.03 -16.59
N ASN A 293 4.28 -16.92 -17.44
CA ASN A 293 4.46 -18.31 -17.03
C ASN A 293 5.32 -18.38 -15.78
N LEU A 294 6.32 -17.50 -15.71
CA LEU A 294 7.22 -17.47 -14.57
C LEU A 294 6.47 -17.16 -13.28
N LEU A 295 5.26 -16.63 -13.43
CA LEU A 295 4.43 -16.31 -12.29
C LEU A 295 3.59 -17.55 -12.00
N ASP A 296 3.14 -18.21 -13.07
CA ASP A 296 2.07 -19.23 -12.90
C ASP A 296 2.86 -20.34 -12.18
N ALA A 297 4.17 -20.31 -12.34
CA ALA A 297 5.06 -21.25 -11.68
C ALA A 297 5.85 -20.28 -10.84
N ASP A 298 6.06 -20.58 -9.57
CA ASP A 298 6.80 -19.64 -8.75
C ASP A 298 8.31 -19.68 -9.04
N LYS A 299 8.64 -19.82 -10.31
CA LYS A 299 10.03 -19.86 -10.74
C LYS A 299 10.69 -18.51 -10.54
N ASN A 300 10.98 -18.15 -9.30
CA ASN A 300 11.63 -16.88 -9.03
C ASN A 300 12.91 -16.06 -9.02
N GLU A 301 13.90 -16.52 -9.78
CA GLU A 301 15.18 -15.85 -9.85
C GLU A 301 15.06 -15.66 -11.36
N ASP A 302 14.09 -16.36 -11.96
CA ASP A 302 13.85 -16.25 -13.40
C ASP A 302 13.15 -14.92 -13.61
N LEU A 303 12.49 -14.44 -12.55
CA LEU A 303 11.78 -13.17 -12.61
C LEU A 303 12.75 -12.02 -12.32
N GLY A 304 13.70 -12.25 -11.43
CA GLY A 304 14.68 -11.22 -11.12
C GLY A 304 15.45 -10.86 -12.37
N ARG A 305 15.96 -11.87 -13.06
CA ARG A 305 16.72 -11.67 -14.29
C ARG A 305 15.79 -11.14 -15.37
N MET A 306 14.53 -11.57 -15.30
CA MET A 306 13.51 -11.13 -16.26
C MET A 306 13.39 -9.62 -16.08
N TYR A 307 13.35 -9.21 -14.82
CA TYR A 307 13.25 -7.81 -14.44
C TYR A 307 14.54 -7.10 -14.85
N ASN A 308 15.68 -7.67 -14.47
CA ASN A 308 16.89 -6.66 -14.37
C ASN A 308 17.09 -6.41 -15.86
N LEU A 309 16.95 -7.47 -16.66
CA LEU A 309 17.08 -7.33 -18.10
C LEU A 309 16.19 -6.22 -18.62
N VAL A 310 14.88 -6.38 -18.44
CA VAL A 310 13.95 -5.36 -18.89
C VAL A 310 14.15 -4.07 -18.10
N SER A 311 14.75 -4.17 -16.92
CA SER A 311 15.02 -2.99 -16.09
C SER A 311 15.81 -2.03 -16.94
N ARG A 312 16.76 -2.58 -17.69
CA ARG A 312 17.65 -1.85 -18.57
C ARG A 312 16.91 -0.99 -19.59
N ILE A 313 16.15 -1.65 -20.46
CA ILE A 313 15.37 -0.96 -21.49
C ILE A 313 14.52 0.13 -20.85
N GLN A 314 14.53 1.33 -21.41
CA GLN A 314 13.72 2.40 -20.86
C GLN A 314 12.27 2.00 -21.07
N ASP A 315 11.39 2.35 -20.11
CA ASP A 315 9.97 2.03 -20.21
C ASP A 315 9.77 0.53 -20.30
N GLY A 316 10.78 -0.22 -19.87
CA GLY A 316 10.72 -1.67 -19.94
C GLY A 316 9.70 -2.34 -19.04
N LEU A 317 9.75 -2.01 -17.76
CA LEU A 317 8.84 -2.60 -16.79
C LEU A 317 7.37 -2.25 -16.98
N GLY A 318 7.11 -1.07 -17.54
CA GLY A 318 5.74 -0.64 -17.78
C GLY A 318 4.71 -1.73 -17.97
N GLU A 319 5.09 -2.82 -18.62
CA GLU A 319 4.19 -3.93 -18.86
C GLU A 319 4.27 -5.00 -17.80
N LEU A 320 5.47 -5.45 -17.46
CA LEU A 320 5.59 -6.47 -16.43
C LEU A 320 4.87 -5.91 -15.19
N LYS A 321 4.94 -4.59 -15.05
CA LYS A 321 4.33 -3.85 -13.95
C LYS A 321 2.81 -3.93 -14.05
N LYS A 322 2.29 -4.26 -15.24
CA LYS A 322 0.86 -4.38 -15.46
C LYS A 322 0.50 -5.84 -15.38
N LEU A 323 1.45 -6.70 -15.72
CA LEU A 323 1.23 -8.13 -15.68
C LEU A 323 1.23 -8.65 -14.26
N LEU A 324 2.16 -8.15 -13.44
CA LEU A 324 2.24 -8.56 -12.05
C LEU A 324 1.09 -7.87 -11.31
N GLU A 325 0.77 -6.67 -11.78
CA GLU A 325 -0.30 -5.86 -11.22
C GLU A 325 -1.59 -6.67 -11.31
N THR A 326 -1.95 -7.03 -12.54
CA THR A 326 -3.16 -7.80 -12.81
C THR A 326 -3.03 -9.26 -12.38
N HIS A 327 -1.80 -9.79 -12.38
CA HIS A 327 -1.60 -11.18 -11.97
C HIS A 327 -2.02 -11.41 -10.53
N ILE A 328 -1.45 -10.63 -9.61
CA ILE A 328 -1.51 -11.13 -8.18
C ILE A 328 -3.01 -10.91 -7.95
N HIS A 329 -3.55 -9.82 -8.50
CA HIS A 329 -4.97 -9.52 -8.35
C HIS A 329 -5.79 -10.80 -8.49
N ASN A 330 -5.43 -11.63 -9.45
CA ASN A 330 -6.12 -12.90 -9.63
C ASN A 330 -5.90 -13.75 -8.39
N GLN A 331 -4.64 -14.13 -8.15
CA GLN A 331 -4.27 -14.94 -7.00
C GLN A 331 -5.16 -14.61 -5.81
N GLY A 332 -5.20 -13.34 -5.45
CA GLY A 332 -6.03 -12.90 -4.35
C GLY A 332 -7.49 -13.23 -4.66
N LEU A 333 -8.02 -12.68 -5.74
CA LEU A 333 -9.41 -12.91 -6.11
C LEU A 333 -9.76 -14.40 -6.16
N ALA A 334 -8.72 -15.22 -6.21
CA ALA A 334 -8.90 -16.66 -6.23
C ALA A 334 -8.80 -17.17 -4.81
N ALA A 335 -8.02 -16.47 -3.99
CA ALA A 335 -7.36 -17.63 -2.90
C ALA A 335 -8.58 -17.46 -2.00
N ILE A 336 -9.15 -16.26 -1.97
CA ILE A 336 -10.31 -16.05 -1.13
C ILE A 336 -11.50 -16.78 -1.75
N GLU A 337 -11.57 -16.78 -3.08
CA GLU A 337 -12.66 -17.46 -3.77
C GLU A 337 -12.79 -18.92 -3.32
N LYS A 338 -11.66 -19.56 -3.04
CA LYS A 338 -11.70 -20.95 -2.59
C LYS A 338 -12.46 -21.03 -1.29
N CYS A 339 -12.00 -20.29 -0.28
CA CYS A 339 -12.66 -20.27 1.03
C CYS A 339 -14.17 -20.22 0.81
N GLY A 340 -14.64 -19.13 0.21
CA GLY A 340 -16.05 -18.93 -0.11
C GLY A 340 -17.43 -18.54 0.42
N GLU A 341 -17.99 -19.39 1.27
CA GLU A 341 -19.30 -19.14 1.84
C GLU A 341 -18.75 -19.18 3.27
N ALA A 342 -17.64 -19.92 3.45
CA ALA A 342 -17.00 -20.00 4.74
C ALA A 342 -16.45 -18.61 5.06
N ALA A 343 -15.40 -18.21 4.35
CA ALA A 343 -14.79 -16.89 4.54
C ALA A 343 -15.86 -15.87 4.86
N LEU A 344 -16.93 -15.88 4.06
CA LEU A 344 -18.03 -14.97 4.25
C LEU A 344 -18.40 -14.76 5.72
N ASN A 345 -18.14 -15.76 6.56
CA ASN A 345 -18.47 -15.62 7.97
C ASN A 345 -17.33 -16.06 8.88
N ASP A 346 -16.13 -16.11 8.32
CA ASP A 346 -14.96 -16.50 9.09
C ASP A 346 -13.88 -15.45 8.84
N PRO A 347 -13.85 -14.43 9.72
CA PRO A 347 -12.87 -13.33 9.63
C PRO A 347 -11.43 -13.79 9.61
N LYS A 348 -11.02 -14.66 10.53
CA LYS A 348 -9.62 -15.06 10.50
C LYS A 348 -9.26 -15.57 9.12
N MET A 349 -10.09 -16.46 8.58
CA MET A 349 -9.86 -17.01 7.26
C MET A 349 -9.84 -15.91 6.20
N TYR A 350 -10.94 -15.18 6.06
CA TYR A 350 -10.99 -14.09 5.08
C TYR A 350 -9.77 -13.18 5.16
N VAL A 351 -9.57 -12.52 6.29
CA VAL A 351 -8.42 -11.63 6.43
C VAL A 351 -7.12 -12.37 6.16
N GLN A 352 -7.00 -13.57 6.71
CA GLN A 352 -5.80 -14.37 6.55
C GLN A 352 -5.51 -14.76 5.11
N THR A 353 -6.50 -15.32 4.42
CA THR A 353 -6.28 -15.70 3.04
C THR A 353 -5.77 -14.48 2.30
N VAL A 354 -6.24 -13.31 2.70
CA VAL A 354 -5.85 -12.06 2.06
C VAL A 354 -4.41 -11.71 2.40
N LEU A 355 -4.08 -11.75 3.68
CA LEU A 355 -2.74 -11.41 4.14
C LEU A 355 -1.72 -12.44 3.65
N ASP A 356 -2.22 -13.47 2.98
CA ASP A 356 -1.36 -14.51 2.44
C ASP A 356 -0.94 -14.06 1.04
N VAL A 357 -1.94 -13.78 0.22
CA VAL A 357 -1.69 -13.32 -1.15
C VAL A 357 -0.81 -12.09 -1.09
N HIS A 358 -1.03 -11.25 -0.09
CA HIS A 358 -0.23 -10.04 0.05
C HIS A 358 1.19 -10.32 0.46
N LYS A 359 1.35 -11.16 1.48
CA LYS A 359 2.67 -11.22 2.13
C LYS A 359 3.46 -12.11 1.19
N LYS A 360 2.76 -12.87 0.34
CA LYS A 360 3.40 -13.74 -0.65
C LYS A 360 4.05 -12.95 -1.76
N TYR A 361 3.28 -12.02 -2.32
CA TYR A 361 3.67 -11.36 -3.58
C TYR A 361 4.46 -10.17 -3.15
N ASN A 362 4.31 -9.77 -1.89
CA ASN A 362 5.04 -8.63 -1.39
C ASN A 362 6.51 -9.02 -1.36
N ALA A 363 6.80 -10.18 -0.80
CA ALA A 363 8.17 -10.64 -0.71
C ALA A 363 8.75 -10.89 -2.09
N LEU A 364 7.88 -11.06 -3.09
CA LEU A 364 8.32 -11.27 -4.47
C LEU A 364 8.82 -9.94 -4.99
N VAL A 365 8.02 -8.89 -4.80
CA VAL A 365 8.40 -7.57 -5.26
C VAL A 365 9.66 -7.13 -4.52
N MET A 366 9.73 -7.42 -3.23
CA MET A 366 10.90 -7.04 -2.42
C MET A 366 12.13 -7.81 -2.87
N SER A 367 11.92 -9.06 -3.26
CA SER A 367 12.97 -9.94 -3.72
C SER A 367 13.25 -9.78 -5.21
N ALA A 368 12.60 -10.60 -6.01
CA ALA A 368 12.76 -10.62 -7.46
C ALA A 368 12.58 -9.28 -8.17
N PHE A 369 11.76 -8.40 -7.63
CA PHE A 369 11.54 -7.12 -8.28
C PHE A 369 12.25 -5.95 -7.61
N ASN A 370 13.21 -6.26 -6.74
CA ASN A 370 13.99 -5.25 -6.02
C ASN A 370 13.14 -4.13 -5.45
N ASN A 371 12.11 -4.49 -4.71
CA ASN A 371 11.19 -3.55 -4.10
C ASN A 371 11.03 -2.28 -4.92
N ASP A 372 10.98 -2.43 -6.24
CA ASP A 372 10.80 -1.31 -7.15
C ASP A 372 9.43 -0.73 -6.87
N ALA A 373 9.39 0.53 -6.43
CA ALA A 373 8.12 1.16 -6.11
C ALA A 373 7.07 1.00 -7.20
N GLY A 374 7.53 0.84 -8.43
CA GLY A 374 6.61 0.66 -9.53
C GLY A 374 5.91 -0.68 -9.41
N PHE A 375 6.66 -1.69 -8.98
CA PHE A 375 6.13 -3.02 -8.81
C PHE A 375 5.44 -3.16 -7.47
N VAL A 376 5.79 -2.28 -6.53
CA VAL A 376 5.15 -2.30 -5.23
C VAL A 376 3.76 -1.75 -5.51
N ALA A 377 3.67 -0.84 -6.47
CA ALA A 377 2.39 -0.26 -6.86
C ALA A 377 1.53 -1.38 -7.40
N ALA A 378 2.05 -2.12 -8.37
CA ALA A 378 1.33 -3.25 -8.96
C ALA A 378 0.65 -4.04 -7.83
N LEU A 379 1.47 -4.44 -6.85
CA LEU A 379 1.01 -5.20 -5.69
C LEU A 379 -0.14 -4.48 -5.00
N ASP A 380 0.15 -3.26 -4.55
CA ASP A 380 -0.81 -2.44 -3.84
C ASP A 380 -2.09 -2.18 -4.61
N LYS A 381 -1.95 -1.94 -5.90
CA LYS A 381 -3.11 -1.66 -6.73
C LYS A 381 -3.99 -2.90 -6.80
N ALA A 382 -3.34 -4.05 -6.96
CA ALA A 382 -4.04 -5.33 -7.04
C ALA A 382 -4.67 -5.68 -5.72
N CYS A 383 -3.89 -5.57 -4.64
CA CYS A 383 -4.39 -5.86 -3.29
C CYS A 383 -5.62 -5.03 -3.02
N GLY A 384 -5.55 -3.75 -3.39
CA GLY A 384 -6.68 -2.86 -3.21
C GLY A 384 -7.86 -3.35 -4.03
N ARG A 385 -7.60 -3.77 -5.25
CA ARG A 385 -8.63 -4.27 -6.13
C ARG A 385 -9.39 -5.48 -5.54
N PHE A 386 -8.65 -6.52 -5.12
CA PHE A 386 -9.29 -7.73 -4.61
C PHE A 386 -9.61 -7.79 -3.14
N ILE A 387 -9.27 -6.75 -2.39
CA ILE A 387 -9.59 -6.76 -0.98
C ILE A 387 -10.96 -6.13 -0.75
N ASN A 388 -11.34 -5.21 -1.62
CA ASN A 388 -12.63 -4.54 -1.48
C ASN A 388 -13.71 -5.19 -2.30
N ASN A 389 -13.30 -6.04 -3.25
CA ASN A 389 -14.22 -6.77 -4.11
C ASN A 389 -13.64 -8.15 -4.44
N ASN A 390 -14.43 -9.20 -4.16
CA ASN A 390 -14.02 -10.61 -4.36
C ASN A 390 -15.18 -11.55 -4.01
N ALA A 391 -15.01 -12.84 -4.30
CA ALA A 391 -16.07 -13.81 -4.03
C ALA A 391 -16.80 -13.52 -2.72
N VAL A 392 -16.05 -13.07 -1.71
CA VAL A 392 -16.62 -12.79 -0.41
C VAL A 392 -17.62 -11.67 -0.47
N THR A 393 -17.13 -10.47 -0.79
CA THR A 393 -18.01 -9.31 -0.83
C THR A 393 -19.20 -9.52 -1.75
N LYS A 394 -18.96 -10.18 -2.89
CA LYS A 394 -20.00 -10.48 -3.88
C LYS A 394 -21.15 -11.21 -3.18
N MET A 395 -20.81 -12.28 -2.45
CA MET A 395 -21.83 -13.07 -1.73
C MET A 395 -22.63 -12.14 -0.83
N ALA A 396 -21.89 -11.45 0.04
CA ALA A 396 -22.48 -10.53 1.01
C ALA A 396 -23.15 -9.35 0.32
N GLN A 397 -22.87 -9.19 -0.97
CA GLN A 397 -23.47 -8.12 -1.75
C GLN A 397 -23.15 -6.73 -1.23
N SER A 398 -21.85 -6.39 -1.28
CA SER A 398 -21.35 -5.09 -0.84
C SER A 398 -19.85 -5.10 -0.58
N SER A 399 -19.19 -4.02 -0.96
CA SER A 399 -17.74 -3.89 -0.77
C SER A 399 -17.47 -3.85 0.73
N SER A 400 -18.37 -3.17 1.45
CA SER A 400 -18.24 -2.98 2.88
C SER A 400 -18.19 -4.19 3.79
N LYS A 401 -18.22 -5.40 3.24
CA LYS A 401 -18.11 -6.55 4.12
C LYS A 401 -16.66 -6.56 4.54
N SER A 402 -15.77 -6.48 3.56
CA SER A 402 -14.34 -6.50 3.83
C SER A 402 -13.94 -5.77 5.10
N PRO A 403 -14.21 -4.45 5.19
CA PRO A 403 -13.81 -3.79 6.44
C PRO A 403 -14.48 -4.47 7.66
N GLU A 404 -15.69 -4.96 7.47
CA GLU A 404 -16.40 -5.63 8.56
C GLU A 404 -15.55 -6.83 8.99
N LEU A 405 -15.27 -7.74 8.07
CA LEU A 405 -14.47 -8.91 8.40
C LEU A 405 -13.12 -8.52 9.02
N LEU A 406 -12.55 -7.39 8.62
CA LEU A 406 -11.28 -6.92 9.21
C LEU A 406 -11.57 -6.39 10.62
N ALA A 407 -12.77 -5.86 10.80
CA ALA A 407 -13.16 -5.36 12.11
C ALA A 407 -13.27 -6.64 12.90
N ARG A 408 -14.13 -7.55 12.45
CA ARG A 408 -14.58 -8.71 13.27
C ARG A 408 -13.32 -9.46 13.67
N TYR A 409 -12.36 -9.53 12.76
CA TYR A 409 -11.12 -10.23 13.04
C TYR A 409 -10.50 -9.63 14.30
N CYS A 410 -10.10 -8.35 14.24
CA CYS A 410 -9.51 -7.64 15.38
C CYS A 410 -10.24 -7.94 16.68
N ASP A 411 -11.56 -7.91 16.65
CA ASP A 411 -12.29 -8.20 17.86
C ASP A 411 -11.97 -9.63 18.28
N SER A 412 -12.10 -10.56 17.35
CA SER A 412 -11.77 -11.94 17.68
C SER A 412 -10.36 -11.98 18.27
N LEU A 413 -9.57 -10.95 17.93
CA LEU A 413 -8.19 -10.83 18.40
C LEU A 413 -8.00 -10.02 19.69
N LEU A 414 -8.90 -9.12 19.97
CA LEU A 414 -8.74 -8.30 21.15
C LEU A 414 -9.71 -8.76 22.20
N LYS A 415 -10.40 -9.87 21.91
CA LYS A 415 -11.37 -10.44 22.83
C LYS A 415 -10.70 -11.43 23.75
N LYS A 416 -11.18 -11.50 24.98
CA LYS A 416 -10.68 -12.42 25.98
C LYS A 416 -10.47 -13.75 25.26
N SER A 417 -9.22 -14.18 25.13
CA SER A 417 -8.92 -15.45 24.47
C SER A 417 -9.02 -16.59 25.47
N SER A 418 -9.35 -17.78 24.97
CA SER A 418 -9.48 -19.00 25.83
C SER A 418 -8.36 -19.21 26.82
N LYS A 419 -7.24 -18.72 26.45
CA LYS A 419 -6.18 -18.56 27.35
C LYS A 419 -5.86 -17.13 26.99
N ASN A 420 -4.65 -16.79 26.78
CA ASN A 420 -4.31 -15.44 26.41
C ASN A 420 -3.48 -15.57 25.11
N PRO A 421 -3.08 -14.50 24.42
CA PRO A 421 -2.20 -14.61 23.26
C PRO A 421 -0.81 -14.07 23.65
N GLU A 422 0.23 -14.49 22.95
CA GLU A 422 1.58 -14.00 23.26
C GLU A 422 1.66 -12.53 22.85
N GLU A 423 2.13 -11.68 23.76
CA GLU A 423 2.24 -10.24 23.50
C GLU A 423 2.57 -9.90 22.05
N ALA A 424 3.83 -10.09 21.68
CA ALA A 424 4.31 -9.80 20.33
C ALA A 424 3.42 -10.39 19.25
N GLU A 425 3.03 -11.65 19.44
CA GLU A 425 2.17 -12.35 18.50
C GLU A 425 1.03 -11.42 18.08
N LEU A 426 0.17 -11.12 19.05
CA LEU A 426 -0.99 -10.26 18.85
C LEU A 426 -0.56 -8.95 18.18
N GLU A 427 0.27 -8.20 18.89
CA GLU A 427 0.77 -6.94 18.39
C GLU A 427 1.16 -7.06 16.92
N ASP A 428 1.74 -8.19 16.56
CA ASP A 428 2.19 -8.44 15.19
C ASP A 428 1.02 -8.63 14.22
N THR A 429 0.13 -9.57 14.54
CA THR A 429 -1.02 -9.79 13.69
C THR A 429 -1.82 -8.50 13.59
N LEU A 430 -1.79 -7.72 14.68
CA LEU A 430 -2.47 -6.43 14.75
C LEU A 430 -1.84 -5.43 13.79
N ASN A 431 -0.55 -5.63 13.52
CA ASN A 431 0.19 -4.79 12.59
C ASN A 431 -0.05 -5.31 11.20
N GLN A 432 -0.63 -6.51 11.14
CA GLN A 432 -0.92 -7.13 9.86
C GLN A 432 -2.30 -6.74 9.44
N VAL A 433 -3.21 -6.71 10.41
CA VAL A 433 -4.57 -6.33 10.14
C VAL A 433 -4.53 -4.97 9.48
N MET A 434 -3.56 -4.14 9.91
CA MET A 434 -3.35 -2.78 9.39
C MET A 434 -2.80 -2.74 7.97
N VAL A 435 -2.27 -3.87 7.49
CA VAL A 435 -1.74 -3.90 6.13
C VAL A 435 -2.95 -4.08 5.22
N VAL A 436 -3.93 -4.82 5.72
CA VAL A 436 -5.15 -5.05 4.97
C VAL A 436 -5.97 -3.77 5.00
N PHE A 437 -6.03 -3.16 6.18
CA PHE A 437 -6.75 -1.91 6.42
C PHE A 437 -6.30 -0.86 5.40
N LYS A 438 -5.00 -0.88 5.15
CA LYS A 438 -4.34 0.02 4.21
C LYS A 438 -5.04 0.05 2.85
N TYR A 439 -5.77 -1.01 2.52
CA TYR A 439 -6.47 -1.12 1.23
C TYR A 439 -7.99 -1.04 1.33
N ILE A 440 -8.49 -0.85 2.53
CA ILE A 440 -9.92 -0.79 2.75
C ILE A 440 -10.59 0.47 2.23
N GLU A 441 -11.56 0.28 1.34
CA GLU A 441 -12.28 1.41 0.75
C GLU A 441 -13.29 2.03 1.73
N ASP A 442 -14.08 1.19 2.38
CA ASP A 442 -15.03 1.72 3.33
C ASP A 442 -14.44 1.67 4.72
N LYS A 443 -13.53 2.61 5.00
CA LYS A 443 -12.92 2.66 6.31
C LYS A 443 -13.89 3.20 7.35
N ASP A 444 -14.98 3.77 6.89
CA ASP A 444 -15.96 4.26 7.82
C ASP A 444 -16.53 2.99 8.40
N VAL A 445 -16.78 2.02 7.51
CA VAL A 445 -17.34 0.72 7.92
C VAL A 445 -16.44 -0.02 8.86
N PHE A 446 -15.15 -0.07 8.54
CA PHE A 446 -14.25 -0.74 9.43
C PHE A 446 -14.40 -0.02 10.76
N GLN A 447 -13.92 1.21 10.80
CA GLN A 447 -14.00 2.03 12.02
C GLN A 447 -15.28 1.88 12.83
N LYS A 448 -16.42 2.06 12.17
CA LYS A 448 -17.69 1.96 12.84
C LYS A 448 -17.83 0.61 13.53
N PHE A 449 -17.39 -0.47 12.88
CA PHE A 449 -17.49 -1.80 13.49
C PHE A 449 -16.52 -1.86 14.63
N TYR A 450 -15.28 -1.45 14.36
CA TYR A 450 -14.23 -1.67 15.35
C TYR A 450 -14.70 -0.88 16.55
N ALA A 451 -15.69 -0.03 16.37
CA ALA A 451 -16.18 0.77 17.46
C ALA A 451 -17.24 0.05 18.24
N LYS A 452 -18.23 -0.50 17.54
CA LYS A 452 -19.34 -1.18 18.22
C LYS A 452 -18.78 -2.41 18.91
N MET A 453 -17.59 -2.82 18.49
CA MET A 453 -16.94 -3.98 19.06
C MET A 453 -16.13 -3.61 20.32
N LEU A 454 -15.41 -2.48 20.25
CA LEU A 454 -14.64 -2.03 21.39
C LEU A 454 -15.65 -1.73 22.49
N ALA A 455 -16.77 -1.16 22.08
CA ALA A 455 -17.82 -0.84 23.02
C ALA A 455 -18.05 -2.09 23.88
N LYS A 456 -18.60 -3.15 23.29
CA LYS A 456 -18.85 -4.40 24.01
C LYS A 456 -17.65 -4.90 24.82
N ARG A 457 -16.47 -4.97 24.20
CA ARG A 457 -15.30 -5.42 24.93
C ARG A 457 -15.07 -4.57 26.19
N LEU A 458 -15.06 -3.24 26.05
CA LEU A 458 -14.91 -2.34 27.20
C LEU A 458 -16.02 -2.61 28.23
N VAL A 459 -17.27 -2.51 27.78
CA VAL A 459 -18.47 -2.73 28.59
C VAL A 459 -18.39 -3.99 29.46
N HIS A 460 -17.68 -5.01 28.98
CA HIS A 460 -17.59 -6.29 29.67
C HIS A 460 -16.21 -6.70 30.18
N GLN A 461 -15.30 -5.75 30.39
CA GLN A 461 -13.95 -6.08 30.87
C GLN A 461 -13.46 -7.32 30.14
N ASN A 462 -13.96 -7.52 28.92
CA ASN A 462 -13.62 -8.67 28.10
C ASN A 462 -12.51 -8.43 27.11
N SER A 463 -11.51 -7.65 27.46
CA SER A 463 -10.45 -7.42 26.50
C SER A 463 -9.31 -8.39 26.72
N ALA A 464 -8.64 -8.78 25.63
CA ALA A 464 -7.51 -9.69 25.74
C ALA A 464 -6.50 -8.92 26.56
N SER A 465 -5.57 -8.25 25.89
CA SER A 465 -4.58 -7.46 26.61
C SER A 465 -5.01 -6.00 26.51
N ASP A 466 -4.91 -5.25 27.61
CA ASP A 466 -5.29 -3.84 27.57
C ASP A 466 -4.33 -3.08 26.70
N ASP A 467 -3.07 -3.49 26.70
CA ASP A 467 -2.09 -2.82 25.86
C ASP A 467 -2.28 -3.25 24.41
N ALA A 468 -3.23 -4.16 24.18
CA ALA A 468 -3.51 -4.61 22.84
C ALA A 468 -4.35 -3.50 22.24
N GLU A 469 -5.48 -3.22 22.87
CA GLU A 469 -6.38 -2.17 22.43
C GLU A 469 -5.59 -0.87 22.27
N ALA A 470 -5.00 -0.46 23.38
CA ALA A 470 -4.21 0.76 23.44
C ALA A 470 -3.32 0.89 22.22
N SER A 471 -2.85 -0.24 21.71
CA SER A 471 -1.97 -0.23 20.56
C SER A 471 -2.77 -0.13 19.29
N MET A 472 -3.90 -0.81 19.28
CA MET A 472 -4.74 -0.79 18.10
C MET A 472 -5.18 0.65 17.87
N ILE A 473 -5.69 1.27 18.92
CA ILE A 473 -6.14 2.65 18.83
C ILE A 473 -5.01 3.52 18.29
N SER A 474 -3.79 3.25 18.72
CA SER A 474 -2.66 4.01 18.22
C SER A 474 -2.44 3.67 16.78
N LYS A 475 -2.29 2.37 16.54
CA LYS A 475 -2.06 1.86 15.20
C LYS A 475 -2.99 2.52 14.20
N LEU A 476 -4.24 2.75 14.60
CA LEU A 476 -5.22 3.38 13.72
C LEU A 476 -5.13 4.90 13.75
N LYS A 477 -4.81 5.48 14.91
CA LYS A 477 -4.66 6.94 15.07
C LYS A 477 -3.69 7.40 14.01
N GLN A 478 -2.57 6.70 13.87
CA GLN A 478 -1.54 7.09 12.90
C GLN A 478 -2.11 7.42 11.53
N ALA A 479 -2.66 6.40 10.84
CA ALA A 479 -3.23 6.71 9.57
C ALA A 479 -4.22 7.87 9.78
N CYS A 480 -5.25 7.66 10.61
CA CYS A 480 -6.56 8.52 10.40
C CYS A 480 -6.67 9.58 11.48
N GLY A 481 -5.56 9.90 12.13
CA GLY A 481 -5.53 10.96 13.16
C GLY A 481 -6.50 10.76 14.33
N PHE A 482 -6.27 11.60 15.33
CA PHE A 482 -7.03 11.60 16.57
C PHE A 482 -8.52 11.56 16.31
N GLU A 483 -8.96 12.29 15.31
CA GLU A 483 -10.38 12.33 14.98
C GLU A 483 -10.97 10.93 14.81
N TYR A 484 -10.31 10.08 14.02
CA TYR A 484 -10.77 8.71 13.73
C TYR A 484 -10.95 7.87 14.98
N THR A 485 -9.91 7.88 15.81
CA THR A 485 -9.86 7.15 17.07
C THR A 485 -10.43 7.90 18.27
N SER A 486 -10.75 9.18 18.11
CA SER A 486 -11.31 9.97 19.21
C SER A 486 -12.35 9.17 19.99
N LYS A 487 -13.41 8.76 19.30
CA LYS A 487 -14.49 8.02 19.92
C LYS A 487 -14.03 6.73 20.61
N LEU A 488 -13.02 6.08 20.07
CA LEU A 488 -12.51 4.87 20.67
C LEU A 488 -11.89 5.24 22.01
N GLN A 489 -11.30 6.44 22.07
CA GLN A 489 -10.69 6.93 23.29
C GLN A 489 -11.73 7.50 24.23
N ARG A 490 -12.75 8.17 23.70
CA ARG A 490 -13.79 8.72 24.57
C ARG A 490 -14.37 7.57 25.39
N MET A 491 -14.73 6.48 24.69
CA MET A 491 -15.28 5.28 25.31
C MET A 491 -14.36 4.74 26.37
N PHE A 492 -13.09 4.60 26.00
CA PHE A 492 -12.11 4.11 26.95
C PHE A 492 -12.21 4.97 28.19
N GLN A 493 -11.94 6.26 28.01
CA GLN A 493 -11.61 7.12 29.21
C GLN A 493 -12.92 7.13 29.98
N ASP A 494 -14.02 7.09 29.26
CA ASP A 494 -15.32 7.12 29.89
C ASP A 494 -15.55 5.87 30.72
N ILE A 495 -14.82 4.81 30.40
CA ILE A 495 -14.98 3.56 31.15
C ILE A 495 -14.22 3.62 32.48
N GLY A 496 -13.02 4.21 32.46
CA GLY A 496 -12.24 4.36 33.68
C GLY A 496 -13.09 5.07 34.71
N VAL A 497 -13.83 6.06 34.25
CA VAL A 497 -14.73 6.85 35.08
C VAL A 497 -15.69 5.92 35.79
N SER A 498 -16.40 5.12 35.01
CA SER A 498 -17.37 4.20 35.57
C SER A 498 -16.70 3.34 36.62
N LYS A 499 -15.52 2.82 36.31
CA LYS A 499 -14.80 2.00 37.26
C LYS A 499 -14.67 2.80 38.56
N ASP A 500 -14.19 4.04 38.43
CA ASP A 500 -14.02 4.96 39.55
C ASP A 500 -15.33 5.04 40.34
N LEU A 501 -16.39 5.50 39.69
CA LEU A 501 -17.71 5.67 40.30
C LEU A 501 -18.21 4.37 40.94
N ASN A 502 -17.89 3.25 40.31
CA ASN A 502 -18.31 1.95 40.83
C ASN A 502 -17.73 1.84 42.23
N GLU A 503 -16.42 2.08 42.34
CA GLU A 503 -15.74 2.01 43.63
C GLU A 503 -16.45 2.93 44.60
N GLN A 504 -16.67 4.18 44.18
CA GLN A 504 -17.40 5.15 44.99
C GLN A 504 -18.59 4.43 45.62
N PHE A 505 -19.22 3.57 44.84
CA PHE A 505 -20.37 2.82 45.32
C PHE A 505 -19.95 1.60 46.12
N LYS A 506 -18.89 0.93 45.69
CA LYS A 506 -18.46 -0.24 46.44
C LYS A 506 -18.03 0.22 47.81
N LYS A 507 -17.48 1.43 47.87
CA LYS A 507 -17.06 2.01 49.14
C LYS A 507 -18.29 2.40 49.94
N HIS A 508 -19.16 3.19 49.32
CA HIS A 508 -20.41 3.64 49.94
C HIS A 508 -21.18 2.50 50.61
N LEU A 509 -20.81 1.27 50.28
CA LEU A 509 -21.47 0.09 50.86
C LEU A 509 -20.94 -0.23 52.24
N THR A 510 -19.62 -0.37 52.37
CA THR A 510 -19.03 -0.66 53.67
C THR A 510 -19.13 0.63 54.48
N ASN A 511 -20.21 1.35 54.22
CA ASN A 511 -20.58 2.61 54.86
C ASN A 511 -21.93 2.18 55.42
N SER A 512 -22.68 3.10 56.02
CA SER A 512 -23.98 2.74 56.59
C SER A 512 -24.94 2.25 55.50
N GLU A 513 -24.56 1.18 54.80
CA GLU A 513 -25.38 0.62 53.73
C GLU A 513 -24.86 -0.70 53.16
N PRO A 514 -25.41 -1.84 53.62
CA PRO A 514 -24.96 -3.15 53.10
C PRO A 514 -25.89 -3.66 51.98
N LEU A 515 -25.30 -4.17 50.89
CA LEU A 515 -26.08 -4.71 49.77
C LEU A 515 -26.19 -6.23 49.87
N ASP A 516 -27.36 -6.77 49.51
CA ASP A 516 -27.61 -8.22 49.59
C ASP A 516 -26.93 -9.12 48.55
N LEU A 517 -26.65 -8.59 47.37
CA LEU A 517 -26.00 -9.37 46.32
C LEU A 517 -24.83 -8.60 45.73
N ASP A 518 -23.87 -9.28 45.12
CA ASP A 518 -22.73 -8.59 44.53
C ASP A 518 -23.21 -7.71 43.38
N PHE A 519 -23.28 -6.42 43.63
CA PHE A 519 -23.72 -5.43 42.65
C PHE A 519 -22.52 -4.74 42.02
N SER A 520 -22.66 -4.38 40.75
CA SER A 520 -21.59 -3.72 40.03
C SER A 520 -22.25 -3.04 38.83
N ILE A 521 -21.86 -1.81 38.55
CA ILE A 521 -22.50 -1.09 37.47
C ILE A 521 -21.59 -0.29 36.57
N GLN A 522 -21.99 -0.20 35.32
CA GLN A 522 -21.25 0.55 34.35
C GLN A 522 -22.17 1.70 33.99
N VAL A 523 -21.78 2.92 34.35
CA VAL A 523 -22.59 4.07 34.04
C VAL A 523 -21.93 4.79 32.90
N LEU A 524 -22.45 4.52 31.71
CA LEU A 524 -21.92 5.10 30.48
C LEU A 524 -22.65 6.33 29.96
N SER A 525 -21.88 7.30 29.49
CA SER A 525 -22.44 8.56 28.96
C SER A 525 -23.31 8.35 27.70
N SER A 526 -24.62 8.31 27.92
CA SER A 526 -25.59 8.12 26.85
C SER A 526 -25.12 8.63 25.48
N GLY A 527 -24.25 9.63 25.49
CA GLY A 527 -23.78 10.18 24.23
C GLY A 527 -22.59 9.48 23.62
N SER A 528 -21.61 9.14 24.45
CA SER A 528 -20.38 8.51 23.98
C SER A 528 -20.39 7.04 23.54
N TRP A 529 -21.41 6.29 23.93
CA TRP A 529 -21.49 4.89 23.55
C TRP A 529 -22.50 4.63 22.43
N PRO A 530 -22.36 3.49 21.74
CA PRO A 530 -23.26 3.13 20.64
C PRO A 530 -24.44 2.30 21.08
N PHE A 531 -24.73 2.29 22.37
CA PHE A 531 -25.81 1.44 22.86
C PHE A 531 -27.20 1.94 22.54
N GLN A 532 -28.19 1.17 22.96
CA GLN A 532 -29.60 1.48 22.72
C GLN A 532 -30.46 1.00 23.90
N GLN A 533 -31.19 1.89 24.64
CA GLN A 533 -31.84 1.44 25.90
C GLN A 533 -32.76 0.25 25.71
N SER A 534 -34.06 0.09 25.85
CA SER A 534 -33.88 -1.37 25.62
C SER A 534 -34.86 -2.42 25.15
N CYS A 535 -35.79 -2.81 25.93
CA CYS A 535 -36.84 -3.69 25.40
C CYS A 535 -37.89 -3.79 26.45
N THR A 536 -37.99 -2.72 27.25
CA THR A 536 -38.97 -2.64 28.34
C THR A 536 -38.88 -3.83 29.28
N PHE A 537 -38.05 -3.66 30.30
CA PHE A 537 -37.82 -4.74 31.26
C PHE A 537 -38.68 -4.46 32.50
N ALA A 538 -38.76 -5.43 33.40
CA ALA A 538 -39.56 -5.27 34.60
C ALA A 538 -38.76 -5.36 35.87
N LEU A 539 -37.44 -5.46 35.73
CA LEU A 539 -36.57 -5.54 36.89
C LEU A 539 -37.12 -6.53 37.89
N PRO A 540 -36.64 -7.79 37.86
CA PRO A 540 -37.14 -8.77 38.81
C PRO A 540 -36.84 -8.32 40.25
N SER A 541 -37.74 -8.60 41.18
CA SER A 541 -37.54 -8.19 42.56
C SER A 541 -36.11 -8.26 43.10
N GLU A 542 -35.52 -9.45 43.14
CA GLU A 542 -34.17 -9.61 43.67
C GLU A 542 -33.16 -8.52 43.27
N LEU A 543 -33.54 -7.65 42.34
CA LEU A 543 -32.66 -6.57 41.90
C LEU A 543 -33.14 -5.19 42.33
N GLU A 544 -34.33 -5.12 42.94
CA GLU A 544 -34.88 -3.84 43.36
C GLU A 544 -33.90 -3.09 44.25
N ARG A 545 -33.51 -3.73 45.35
CA ARG A 545 -32.58 -3.12 46.30
C ARG A 545 -31.42 -2.44 45.59
N SER A 546 -30.63 -3.22 44.84
CA SER A 546 -29.48 -2.68 44.11
C SER A 546 -29.82 -1.57 43.13
N TYR A 547 -31.05 -1.55 42.62
CA TYR A 547 -31.44 -0.49 41.70
C TYR A 547 -31.63 0.82 42.46
N GLN A 548 -32.55 0.80 43.42
CA GLN A 548 -32.88 1.97 44.24
C GLN A 548 -31.65 2.55 44.94
N ARG A 549 -30.91 1.70 45.62
CA ARG A 549 -29.73 2.16 46.30
C ARG A 549 -28.85 2.95 45.35
N PHE A 550 -28.58 2.41 44.17
CA PHE A 550 -27.36 3.00 43.45
C PHE A 550 -28.08 4.17 42.80
N THR A 551 -29.35 3.98 42.47
CA THR A 551 -30.11 5.05 41.86
C THR A 551 -30.06 6.22 42.85
N ALA A 552 -30.06 5.89 44.15
CA ALA A 552 -29.97 6.90 45.19
C ALA A 552 -28.53 7.42 45.18
N PHE A 553 -27.56 6.51 45.27
CA PHE A 553 -26.13 6.85 45.23
C PHE A 553 -25.70 7.67 44.00
N TYR A 554 -26.44 7.61 42.89
CA TYR A 554 -26.06 8.38 41.72
C TYR A 554 -26.69 9.77 41.80
N ALA A 555 -27.67 9.91 42.69
CA ALA A 555 -28.34 11.19 42.91
C ALA A 555 -27.31 12.11 43.56
N SER A 556 -26.45 11.50 44.39
CA SER A 556 -25.37 12.18 44.99
C SER A 556 -24.29 12.42 43.95
N ARG A 557 -24.64 13.00 42.76
CA ARG A 557 -23.56 13.34 41.81
C ARG A 557 -23.86 14.37 40.71
N HIS A 558 -24.72 14.05 39.86
CA HIS A 558 -25.13 14.92 38.80
C HIS A 558 -26.56 15.34 39.17
N SER A 559 -26.82 16.55 39.73
CA SER A 559 -28.20 16.94 40.10
C SER A 559 -29.07 16.41 39.03
N GLY A 560 -29.20 17.07 37.92
CA GLY A 560 -29.93 16.25 37.04
C GLY A 560 -29.04 15.53 35.99
N ARG A 561 -29.20 14.38 36.55
CA ARG A 561 -28.69 13.37 35.63
C ARG A 561 -29.64 12.18 35.55
N LYS A 562 -29.86 11.76 34.32
CA LYS A 562 -30.78 10.63 34.12
C LYS A 562 -29.97 9.33 33.92
N LEU A 563 -30.52 8.34 34.76
CA LEU A 563 -29.96 7.05 34.37
C LEU A 563 -30.95 6.17 33.61
N THR A 564 -30.54 5.71 32.44
CA THR A 564 -31.38 4.80 31.67
C THR A 564 -30.64 3.47 31.78
N TRP A 565 -31.29 2.52 32.43
CA TRP A 565 -30.71 1.19 32.66
C TRP A 565 -30.80 0.21 31.50
N LEU A 566 -29.64 -0.01 30.87
CA LEU A 566 -29.45 -0.94 29.76
C LEU A 566 -29.58 -2.41 30.22
N TYR A 567 -30.79 -2.88 30.43
CA TYR A 567 -30.95 -4.24 30.90
C TYR A 567 -30.54 -5.29 29.88
N GLN A 568 -30.64 -4.96 28.59
CA GLN A 568 -30.28 -5.94 27.56
C GLN A 568 -28.81 -6.25 27.70
N LEU A 569 -28.05 -5.34 28.33
CA LEU A 569 -26.58 -5.50 28.47
C LEU A 569 -25.86 -5.86 29.78
N SER A 570 -26.64 -6.04 30.81
CA SER A 570 -26.23 -6.29 32.18
C SER A 570 -25.97 -7.74 32.57
N LYS A 571 -24.91 -7.97 33.38
CA LYS A 571 -24.60 -9.31 33.86
C LYS A 571 -25.30 -9.57 35.19
N GLY A 572 -25.04 -10.76 35.58
CA GLY A 572 -25.46 -11.19 36.84
C GLY A 572 -25.36 -12.69 36.82
N GLU A 573 -25.00 -13.19 37.95
CA GLU A 573 -24.97 -14.63 38.16
C GLU A 573 -26.11 -15.16 38.99
N LEU A 574 -26.44 -16.43 38.76
CA LEU A 574 -27.49 -17.13 39.48
C LEU A 574 -26.87 -18.34 40.17
N VAL A 575 -27.49 -18.77 41.24
CA VAL A 575 -27.00 -19.91 41.99
C VAL A 575 -28.19 -20.75 42.29
N THR A 576 -28.18 -21.94 41.73
CA THR A 576 -29.26 -22.90 41.84
C THR A 576 -29.20 -23.88 43.03
N ASN A 577 -30.38 -24.21 43.54
CA ASN A 577 -30.52 -25.13 44.66
C ASN A 577 -31.49 -26.23 44.28
N CYS A 578 -32.22 -26.02 43.19
CA CYS A 578 -33.22 -26.94 42.69
C CYS A 578 -32.69 -28.14 41.91
N PHE A 579 -31.63 -27.92 41.15
CA PHE A 579 -31.05 -29.00 40.35
C PHE A 579 -30.19 -29.81 41.31
N LYS A 580 -30.16 -31.13 41.15
CA LYS A 580 -29.35 -31.99 42.02
C LYS A 580 -27.86 -31.75 41.84
N ASN A 581 -27.47 -30.48 41.90
CA ASN A 581 -26.08 -30.08 41.77
C ASN A 581 -26.04 -28.57 41.81
N ARG A 582 -24.93 -28.03 42.26
CA ARG A 582 -24.85 -26.60 42.40
C ARG A 582 -24.24 -25.95 41.19
N TYR A 583 -25.09 -25.30 40.40
CA TYR A 583 -24.57 -24.60 39.23
C TYR A 583 -24.63 -23.12 39.50
N THR A 584 -23.68 -22.43 38.91
CA THR A 584 -23.62 -21.01 39.02
C THR A 584 -23.84 -20.58 37.59
N LEU A 585 -25.08 -20.25 37.27
CA LEU A 585 -25.42 -19.79 35.94
C LEU A 585 -24.91 -18.33 35.72
N GLN A 586 -24.11 -18.13 34.69
CA GLN A 586 -23.63 -16.81 34.37
C GLN A 586 -24.68 -16.40 33.34
N ALA A 587 -25.56 -15.48 33.70
CA ALA A 587 -26.60 -15.14 32.77
C ALA A 587 -26.97 -13.69 32.55
N SER A 588 -27.57 -13.42 31.41
CA SER A 588 -28.05 -12.09 31.04
C SER A 588 -29.12 -11.74 32.05
N THR A 589 -29.41 -10.45 32.17
CA THR A 589 -30.43 -10.00 33.09
C THR A 589 -31.78 -10.53 32.65
N PHE A 590 -32.02 -10.61 31.35
CA PHE A 590 -33.30 -11.12 30.90
C PHE A 590 -33.43 -12.59 31.28
N GLN A 591 -32.36 -13.36 31.16
CA GLN A 591 -32.43 -14.78 31.52
C GLN A 591 -32.68 -14.93 33.01
N MET A 592 -31.99 -14.12 33.80
CA MET A 592 -32.15 -14.16 35.26
C MET A 592 -33.58 -13.80 35.61
N ALA A 593 -34.13 -12.87 34.86
CA ALA A 593 -35.48 -12.41 35.09
C ALA A 593 -36.44 -13.54 34.91
N ILE A 594 -36.37 -14.16 33.72
CA ILE A 594 -37.29 -15.25 33.41
C ILE A 594 -36.96 -16.43 34.33
N LEU A 595 -35.68 -16.63 34.64
CA LEU A 595 -35.33 -17.74 35.53
C LEU A 595 -35.81 -17.54 36.96
N LEU A 596 -35.64 -16.34 37.52
CA LEU A 596 -36.12 -16.07 38.89
C LEU A 596 -37.65 -16.27 38.90
N GLN A 597 -38.23 -16.33 37.72
CA GLN A 597 -39.66 -16.52 37.64
C GLN A 597 -40.03 -17.93 38.05
N TYR A 598 -39.08 -18.84 37.94
CA TYR A 598 -39.39 -20.21 38.26
C TYR A 598 -39.28 -20.49 39.71
N ASN A 599 -38.92 -19.46 40.46
CA ASN A 599 -38.81 -19.60 41.89
C ASN A 599 -40.19 -19.81 42.50
N THR A 600 -41.22 -19.78 41.68
CA THR A 600 -42.60 -19.97 42.22
C THR A 600 -43.38 -20.98 41.39
N GLU A 601 -44.55 -20.64 40.96
CA GLU A 601 -45.07 -21.62 40.11
C GLU A 601 -43.94 -22.06 39.08
N ASP A 602 -43.60 -23.32 38.96
CA ASP A 602 -42.63 -24.02 38.07
C ASP A 602 -42.58 -23.93 36.43
N ALA A 603 -43.73 -23.78 35.61
CA ALA A 603 -43.70 -23.92 34.18
C ALA A 603 -44.74 -22.92 33.74
N TYR A 604 -44.25 -21.96 33.03
CA TYR A 604 -45.09 -20.87 32.59
C TYR A 604 -45.20 -20.90 31.08
N THR A 605 -46.31 -20.41 30.43
CA THR A 605 -46.34 -20.44 28.98
C THR A 605 -45.59 -19.19 28.60
N VAL A 606 -45.39 -18.95 27.30
CA VAL A 606 -44.68 -17.76 26.88
C VAL A 606 -45.40 -16.49 27.28
N GLN A 607 -46.70 -16.43 27.04
CA GLN A 607 -47.48 -15.24 27.40
C GLN A 607 -47.18 -14.87 28.84
N GLN A 608 -47.24 -15.85 29.72
CA GLN A 608 -46.98 -15.62 31.14
C GLN A 608 -45.65 -14.92 31.42
N LEU A 609 -44.58 -15.29 30.71
CA LEU A 609 -43.31 -14.62 30.98
C LEU A 609 -43.29 -13.23 30.39
N THR A 610 -43.91 -13.07 29.23
CA THR A 610 -43.92 -11.77 28.58
C THR A 610 -44.83 -10.76 29.28
N ASP A 611 -45.36 -11.15 30.43
CA ASP A 611 -46.23 -10.29 31.22
C ASP A 611 -45.58 -9.97 32.54
N SER A 612 -45.00 -10.99 33.16
CA SER A 612 -44.32 -10.85 34.44
C SER A 612 -42.97 -10.19 34.24
N THR A 613 -42.21 -10.71 33.29
CA THR A 613 -40.90 -10.16 33.01
C THR A 613 -41.10 -8.87 32.22
N GLN A 614 -42.27 -8.73 31.62
CA GLN A 614 -42.59 -7.55 30.82
C GLN A 614 -41.64 -7.35 29.67
N ILE A 615 -40.89 -8.43 29.31
CA ILE A 615 -39.88 -8.47 28.20
C ILE A 615 -40.45 -8.85 26.85
N LYS A 616 -40.73 -7.93 25.98
CA LYS A 616 -41.23 -8.25 24.64
C LYS A 616 -41.11 -9.66 24.01
N MET A 617 -42.23 -10.27 23.66
CA MET A 617 -42.21 -11.55 22.98
C MET A 617 -41.03 -11.62 22.03
N ASP A 618 -41.04 -10.78 21.01
CA ASP A 618 -39.97 -10.78 20.02
C ASP A 618 -38.61 -11.07 20.66
N ILE A 619 -38.41 -10.59 21.89
CA ILE A 619 -37.17 -10.78 22.59
C ILE A 619 -37.20 -11.96 23.55
N LEU A 620 -38.35 -12.20 24.19
CA LEU A 620 -38.46 -13.33 25.10
C LEU A 620 -38.10 -14.57 24.32
N ALA A 621 -38.89 -14.85 23.30
CA ALA A 621 -38.72 -16.01 22.44
C ALA A 621 -37.27 -16.36 22.17
N GLN A 622 -36.50 -15.40 21.68
CA GLN A 622 -35.10 -15.69 21.40
C GLN A 622 -34.32 -16.02 22.66
N VAL A 623 -34.72 -15.44 23.79
CA VAL A 623 -34.04 -15.68 25.06
C VAL A 623 -34.52 -17.03 25.57
N LEU A 624 -35.81 -17.24 25.49
CA LEU A 624 -36.39 -18.50 25.90
C LEU A 624 -35.77 -19.55 25.01
N GLN A 625 -35.42 -19.15 23.80
CA GLN A 625 -34.78 -20.05 22.85
C GLN A 625 -33.53 -20.58 23.50
N ILE A 626 -32.71 -19.64 23.98
CA ILE A 626 -31.46 -19.93 24.66
C ILE A 626 -31.65 -20.73 25.93
N LEU A 627 -32.54 -20.25 26.78
CA LEU A 627 -32.77 -20.92 28.02
C LEU A 627 -33.18 -22.33 27.75
N LEU A 628 -33.92 -22.55 26.66
CA LEU A 628 -34.40 -23.90 26.30
C LEU A 628 -33.22 -24.70 25.80
N LYS A 629 -32.45 -24.11 24.92
CA LYS A 629 -31.30 -24.79 24.35
C LYS A 629 -30.34 -25.30 25.44
N SER A 630 -30.33 -24.64 26.58
CA SER A 630 -29.46 -25.00 27.70
C SER A 630 -30.83 -25.53 28.09
N LYS A 631 -30.83 -26.64 28.80
CA LYS A 631 -32.04 -27.25 29.29
C LYS A 631 -32.49 -26.87 30.67
N LEU A 632 -32.24 -25.62 31.05
CA LEU A 632 -32.71 -25.17 32.36
C LEU A 632 -34.21 -25.17 32.19
N LEU A 633 -34.66 -24.98 30.95
CA LEU A 633 -36.08 -24.99 30.59
C LEU A 633 -36.27 -26.10 29.51
N VAL A 634 -37.46 -26.70 29.42
CA VAL A 634 -37.60 -27.77 28.45
C VAL A 634 -39.10 -27.60 28.26
N LEU A 635 -39.56 -27.70 27.02
CA LEU A 635 -40.96 -27.48 26.68
C LEU A 635 -41.65 -28.82 26.88
N GLU A 636 -42.97 -28.79 26.84
CA GLU A 636 -43.80 -29.96 27.00
C GLU A 636 -43.32 -31.12 26.10
N ASP A 637 -43.21 -30.86 24.80
CA ASP A 637 -42.78 -31.85 23.82
C ASP A 637 -41.28 -32.11 23.87
N GLU A 638 -40.88 -33.23 24.48
CA GLU A 638 -39.46 -33.58 24.61
C GLU A 638 -38.75 -33.80 23.28
N ASN A 639 -39.51 -33.90 22.20
CA ASN A 639 -38.90 -34.12 20.89
C ASN A 639 -38.71 -32.84 20.11
N ALA A 640 -39.39 -31.79 20.54
CA ALA A 640 -39.30 -30.49 19.88
C ALA A 640 -37.84 -30.09 19.67
N ASN A 641 -37.47 -29.71 18.45
CA ASN A 641 -36.10 -29.31 18.22
C ASN A 641 -35.96 -27.84 18.53
N VAL A 642 -36.01 -27.49 19.83
CA VAL A 642 -35.93 -26.10 20.31
C VAL A 642 -35.22 -25.14 19.38
N ASP A 643 -34.16 -25.61 18.76
CA ASP A 643 -33.37 -24.81 17.86
C ASP A 643 -34.09 -24.54 16.52
N GLU A 644 -35.33 -24.98 16.39
CA GLU A 644 -36.08 -24.77 15.14
C GLU A 644 -37.52 -24.47 15.47
N VAL A 645 -38.03 -25.07 16.55
CA VAL A 645 -39.41 -24.86 16.96
C VAL A 645 -39.73 -23.38 17.14
N GLU A 646 -40.96 -22.98 16.86
CA GLU A 646 -41.39 -21.59 16.99
C GLU A 646 -42.20 -21.36 18.27
N LEU A 647 -41.82 -20.34 19.05
CA LEU A 647 -42.50 -20.03 20.31
C LEU A 647 -43.82 -19.26 20.22
N LYS A 648 -44.88 -19.89 20.71
CA LYS A 648 -46.17 -19.25 20.66
C LYS A 648 -46.68 -19.00 22.07
N PRO A 649 -47.09 -17.76 22.34
CA PRO A 649 -47.62 -17.26 23.60
C PRO A 649 -48.18 -18.31 24.54
N ASP A 650 -48.89 -19.28 23.97
CA ASP A 650 -49.52 -20.32 24.75
C ASP A 650 -48.64 -21.53 25.06
N THR A 651 -47.53 -21.67 24.37
CA THR A 651 -46.62 -22.80 24.58
C THR A 651 -45.91 -22.80 25.90
N LEU A 652 -46.23 -23.79 26.72
CA LEU A 652 -45.63 -23.94 28.04
C LEU A 652 -44.11 -23.98 27.99
N ILE A 653 -43.50 -23.60 29.11
CA ILE A 653 -42.06 -23.55 29.24
C ILE A 653 -41.69 -24.11 30.59
N LYS A 654 -41.71 -25.44 30.69
CA LYS A 654 -41.39 -26.10 31.95
C LYS A 654 -39.95 -25.93 32.37
N LEU A 655 -39.75 -25.75 33.67
CA LEU A 655 -38.40 -25.63 34.23
C LEU A 655 -37.98 -27.10 34.19
N TYR A 656 -36.77 -27.40 33.73
CA TYR A 656 -36.34 -28.80 33.64
C TYR A 656 -35.53 -28.83 34.92
N LEU A 657 -35.91 -29.67 35.84
CA LEU A 657 -35.39 -29.94 37.15
C LEU A 657 -34.37 -31.05 37.24
N GLY A 658 -34.34 -31.85 36.21
CA GLY A 658 -33.41 -32.94 36.15
C GLY A 658 -32.09 -32.42 35.63
N TYR A 659 -32.13 -31.19 35.15
CA TYR A 659 -30.96 -30.52 34.60
C TYR A 659 -29.64 -30.89 35.27
N LYS A 660 -28.56 -30.81 34.51
CA LYS A 660 -27.26 -31.28 34.84
C LYS A 660 -26.25 -30.84 33.81
N ASN A 661 -25.20 -30.15 34.25
CA ASN A 661 -24.17 -29.61 33.39
C ASN A 661 -22.81 -30.20 33.77
N LYS A 662 -22.01 -30.45 32.75
CA LYS A 662 -20.69 -30.99 32.87
C LYS A 662 -19.78 -29.94 33.50
N LYS A 663 -20.38 -28.89 34.02
CA LYS A 663 -19.58 -27.82 34.63
C LYS A 663 -20.34 -27.17 35.77
N LEU A 664 -19.63 -26.81 36.83
CA LEU A 664 -20.31 -26.10 37.90
C LEU A 664 -20.06 -24.74 37.31
N ARG A 665 -21.00 -23.79 37.46
CA ARG A 665 -20.79 -22.46 36.87
C ARG A 665 -20.81 -22.52 35.35
N VAL A 666 -22.03 -22.46 34.80
CA VAL A 666 -22.26 -22.51 33.37
C VAL A 666 -22.58 -21.12 32.88
N ASN A 667 -21.98 -20.70 31.77
CA ASN A 667 -22.26 -19.38 31.23
C ASN A 667 -23.28 -19.47 30.11
N ILE A 668 -24.57 -19.51 30.45
CA ILE A 668 -25.64 -19.58 29.46
C ILE A 668 -25.99 -18.24 28.83
N ASN A 669 -25.05 -17.31 28.76
CA ASN A 669 -25.34 -15.98 28.23
C ASN A 669 -24.69 -15.75 26.88
N VAL A 670 -25.19 -16.49 26.01
CA VAL A 670 -24.88 -16.39 24.71
C VAL A 670 -26.23 -16.03 24.25
N PRO A 671 -26.51 -14.83 24.01
CA PRO A 671 -27.89 -14.60 23.47
C PRO A 671 -28.30 -15.24 22.12
N MET A 672 -29.14 -14.53 21.29
CA MET A 672 -29.66 -14.98 19.99
C MET A 672 -28.53 -15.08 18.98
N LYS A 673 -28.60 -15.99 18.08
CA LYS A 673 -27.62 -16.27 17.06
C LYS A 673 -27.78 -15.31 15.92
N THR A 674 -29.01 -14.93 15.90
CA THR A 674 -29.53 -14.05 14.94
C THR A 674 -29.14 -12.63 15.33
N GLU A 675 -29.04 -12.33 16.62
CA GLU A 675 -28.68 -11.00 17.10
C GLU A 675 -27.47 -10.52 16.32
N GLN A 676 -26.45 -11.37 16.26
CA GLN A 676 -25.23 -11.03 15.56
C GLN A 676 -25.56 -10.59 14.15
N LYS A 677 -26.57 -11.21 13.55
CA LYS A 677 -26.95 -10.84 12.19
C LYS A 677 -27.58 -9.44 12.23
N GLN A 678 -28.66 -9.28 12.99
CA GLN A 678 -29.29 -7.98 13.11
C GLN A 678 -28.24 -6.94 13.55
N GLU A 679 -27.27 -7.31 14.38
CA GLU A 679 -26.29 -6.30 14.73
C GLU A 679 -25.60 -5.89 13.43
N GLN A 680 -24.94 -6.83 12.76
CA GLN A 680 -24.27 -6.51 11.51
C GLN A 680 -25.20 -5.68 10.59
N GLU A 681 -26.43 -6.13 10.45
CA GLU A 681 -27.37 -5.44 9.61
C GLU A 681 -27.65 -4.03 10.10
N THR A 682 -28.23 -3.91 11.28
CA THR A 682 -28.55 -2.60 11.83
C THR A 682 -27.32 -1.72 11.95
N THR A 683 -26.15 -2.32 12.14
CA THR A 683 -24.94 -1.54 12.28
C THR A 683 -24.49 -1.02 10.92
N HIS A 684 -24.74 -1.78 9.87
CA HIS A 684 -24.39 -1.38 8.51
C HIS A 684 -25.29 -0.24 8.09
N LYS A 685 -26.59 -0.41 8.33
CA LYS A 685 -27.56 0.61 7.98
C LYS A 685 -27.29 1.84 8.81
N ASN A 686 -26.69 1.66 9.98
CA ASN A 686 -26.41 2.81 10.82
C ASN A 686 -25.30 3.64 10.15
N ILE A 687 -24.60 3.02 9.21
CA ILE A 687 -23.53 3.67 8.48
C ILE A 687 -24.11 4.36 7.24
N GLU A 688 -24.94 3.61 6.53
CA GLU A 688 -25.55 4.19 5.36
C GLU A 688 -26.20 5.49 5.68
N GLU A 689 -26.79 5.58 6.85
CA GLU A 689 -27.41 6.86 7.03
C GLU A 689 -26.35 7.94 7.39
N ASP A 690 -25.25 7.50 7.96
CA ASP A 690 -24.13 8.32 8.38
C ASP A 690 -23.21 8.88 7.32
N ARG A 691 -23.27 8.28 6.12
CA ARG A 691 -22.49 8.69 4.97
C ARG A 691 -23.25 9.78 4.28
N LYS A 692 -24.58 9.70 4.40
CA LYS A 692 -25.47 10.69 3.82
C LYS A 692 -25.20 12.02 4.47
N LEU A 693 -25.23 12.05 5.79
CA LEU A 693 -24.96 13.32 6.47
C LEU A 693 -23.55 13.80 6.14
N LEU A 694 -22.55 12.94 6.26
CA LEU A 694 -21.18 13.36 5.94
C LEU A 694 -21.11 13.86 4.52
N ILE A 695 -21.96 13.32 3.65
CA ILE A 695 -22.00 13.74 2.24
C ILE A 695 -22.62 15.13 2.15
N GLN A 696 -23.76 15.31 2.80
CA GLN A 696 -24.42 16.61 2.82
C GLN A 696 -23.41 17.60 3.36
N ALA A 697 -22.98 17.34 4.59
CA ALA A 697 -22.00 18.17 5.26
C ALA A 697 -20.83 18.45 4.33
N ALA A 698 -20.17 17.38 3.89
CA ALA A 698 -19.60 18.07 2.33
C ALA A 698 -20.16 18.92 1.22
N ILE A 699 -21.40 18.66 0.79
CA ILE A 699 -21.99 19.45 -0.28
C ILE A 699 -21.94 20.88 0.25
N VAL A 700 -22.69 21.13 1.31
CA VAL A 700 -22.71 22.44 1.91
C VAL A 700 -21.31 22.97 2.00
N ARG A 701 -20.42 22.19 2.60
CA ARG A 701 -19.05 22.65 2.74
C ARG A 701 -18.55 23.17 1.39
N ILE A 702 -18.62 22.32 0.36
CA ILE A 702 -18.16 22.69 -0.99
C ILE A 702 -18.92 23.87 -1.59
N MET A 703 -20.25 23.77 -1.59
CA MET A 703 -21.12 24.81 -2.13
C MET A 703 -20.84 26.16 -1.49
N LYS A 704 -20.38 26.16 -0.25
CA LYS A 704 -20.08 27.42 0.40
C LYS A 704 -18.83 27.97 -0.27
N MET A 705 -17.77 27.16 -0.25
CA MET A 705 -16.44 27.52 -0.83
C MET A 705 -16.44 27.89 -2.29
N ARG A 706 -17.22 27.17 -2.97
CA ARG A 706 -17.57 27.48 -4.30
C ARG A 706 -18.90 28.15 -3.84
N LYS A 707 -19.56 28.87 -4.66
CA LYS A 707 -20.80 29.49 -4.34
C LYS A 707 -21.79 28.98 -5.35
N VAL A 708 -21.35 29.01 -6.58
CA VAL A 708 -22.16 28.55 -7.70
C VAL A 708 -21.38 27.45 -8.42
N LEU A 709 -21.96 26.25 -8.51
CA LEU A 709 -21.23 25.14 -9.10
C LEU A 709 -22.03 24.17 -9.97
N LYS A 710 -21.34 23.63 -10.97
CA LYS A 710 -21.94 22.67 -11.89
C LYS A 710 -22.05 21.28 -11.26
N HIS A 711 -23.15 20.60 -11.50
CA HIS A 711 -23.39 19.26 -10.96
C HIS A 711 -22.13 18.42 -10.89
N GLN A 712 -21.67 17.95 -12.06
CA GLN A 712 -20.47 17.12 -12.12
C GLN A 712 -19.31 17.55 -11.22
N GLN A 713 -18.96 18.83 -11.27
CA GLN A 713 -17.89 19.33 -10.41
C GLN A 713 -18.26 19.16 -8.94
N LEU A 714 -19.52 19.40 -8.61
CA LEU A 714 -19.99 19.26 -7.24
C LEU A 714 -19.75 17.82 -6.85
N LEU A 715 -20.28 16.90 -7.65
CA LEU A 715 -20.11 15.48 -7.40
C LEU A 715 -18.62 15.19 -7.23
N GLY A 716 -17.86 15.43 -8.29
CA GLY A 716 -16.42 15.20 -8.23
C GLY A 716 -15.81 15.60 -6.89
N GLU A 717 -16.01 16.86 -6.49
CA GLU A 717 -15.48 17.34 -5.22
C GLU A 717 -15.83 16.37 -4.10
N VAL A 718 -17.14 16.14 -3.92
CA VAL A 718 -17.62 15.24 -2.88
C VAL A 718 -16.68 14.04 -2.74
N LEU A 719 -16.39 13.37 -3.85
CA LEU A 719 -15.47 12.24 -3.78
C LEU A 719 -14.17 12.84 -3.24
N THR A 720 -13.73 13.94 -3.85
CA THR A 720 -12.24 14.24 -3.67
C THR A 720 -12.14 14.21 -2.15
N GLN A 721 -13.14 14.83 -1.53
CA GLN A 721 -13.24 14.94 -0.09
C GLN A 721 -13.24 13.60 0.64
N LEU A 722 -14.10 12.71 0.16
CA LEU A 722 -14.63 11.62 1.14
C LEU A 722 -13.77 10.40 0.84
N SER A 723 -13.10 10.36 -0.30
CA SER A 723 -12.25 9.20 -0.63
C SER A 723 -11.55 8.54 0.58
N SER A 724 -10.91 9.35 1.42
CA SER A 724 -10.21 8.90 2.63
C SER A 724 -11.00 7.99 3.56
N ARG A 725 -12.33 8.00 3.43
CA ARG A 725 -13.19 7.18 4.27
C ARG A 725 -14.09 6.25 3.47
N PHE A 726 -14.64 6.74 2.36
CA PHE A 726 -15.54 5.94 1.52
C PHE A 726 -15.94 6.64 0.24
N LYS A 727 -16.09 5.88 -0.85
CA LYS A 727 -16.47 6.47 -2.14
C LYS A 727 -17.97 6.50 -2.40
N PRO A 728 -18.64 7.61 -2.02
CA PRO A 728 -20.08 7.69 -2.23
C PRO A 728 -20.49 7.34 -3.66
N ARG A 729 -21.66 6.73 -3.79
CA ARG A 729 -22.17 6.37 -5.10
C ARG A 729 -22.99 7.57 -5.58
N VAL A 730 -22.64 8.11 -6.74
CA VAL A 730 -23.37 9.26 -7.29
C VAL A 730 -24.85 9.33 -6.88
N PRO A 731 -25.62 8.27 -7.12
CA PRO A 731 -27.03 8.33 -6.74
C PRO A 731 -27.29 8.69 -5.27
N VAL A 732 -26.32 8.43 -4.40
CA VAL A 732 -26.53 8.76 -3.00
C VAL A 732 -26.32 10.27 -2.83
N ILE A 733 -25.29 10.81 -3.45
CA ILE A 733 -25.02 12.23 -3.34
C ILE A 733 -26.20 12.95 -3.95
N LYS A 734 -26.58 12.52 -5.15
CA LYS A 734 -27.69 13.09 -5.90
C LYS A 734 -28.85 13.26 -4.94
N LYS A 735 -29.01 12.28 -4.07
CA LYS A 735 -30.08 12.31 -3.08
C LYS A 735 -29.79 13.45 -2.09
N CYS A 736 -28.60 13.45 -1.48
CA CYS A 736 -28.20 14.47 -0.52
C CYS A 736 -28.36 15.90 -1.05
N ILE A 737 -28.04 16.07 -2.33
CA ILE A 737 -28.14 17.37 -2.98
C ILE A 737 -29.57 17.87 -2.85
N ASP A 738 -30.53 17.00 -3.18
CA ASP A 738 -31.94 17.37 -3.10
C ASP A 738 -32.29 17.71 -1.64
N ILE A 739 -31.92 16.82 -0.73
CA ILE A 739 -32.18 17.03 0.69
C ILE A 739 -31.60 18.36 1.11
N LEU A 740 -30.45 18.71 0.54
CA LEU A 740 -29.81 19.96 0.87
C LEU A 740 -30.54 21.13 0.25
N ILE A 741 -31.33 20.85 -0.78
CA ILE A 741 -32.10 21.90 -1.45
C ILE A 741 -33.37 22.09 -0.63
N GLU A 742 -33.98 20.98 -0.23
CA GLU A 742 -35.19 21.05 0.56
C GLU A 742 -34.85 21.85 1.80
N LYS A 743 -33.81 21.41 2.51
CA LYS A 743 -33.36 22.07 3.73
C LYS A 743 -32.74 23.44 3.42
N GLU A 744 -33.09 23.97 2.25
CA GLU A 744 -32.61 25.26 1.75
C GLU A 744 -31.17 25.68 2.06
N TYR A 745 -30.21 24.81 1.74
CA TYR A 745 -28.79 25.11 1.95
C TYR A 745 -28.16 25.49 0.62
N LEU A 746 -28.76 25.02 -0.47
CA LEU A 746 -28.25 25.36 -1.78
C LEU A 746 -29.36 25.10 -2.79
N GLU A 747 -29.46 25.98 -3.79
CA GLU A 747 -30.50 25.85 -4.81
C GLU A 747 -29.93 25.87 -6.22
N ARG A 748 -30.80 25.52 -7.18
CA ARG A 748 -30.44 25.51 -8.58
C ARG A 748 -30.55 26.92 -9.14
N VAL A 749 -29.67 27.24 -10.08
CA VAL A 749 -29.64 28.54 -10.71
C VAL A 749 -30.63 28.57 -11.87
N ASP A 750 -31.83 29.09 -11.61
CA ASP A 750 -32.89 29.18 -12.61
C ASP A 750 -32.39 29.69 -13.96
N GLY A 751 -32.45 28.82 -14.96
CA GLY A 751 -31.99 29.19 -16.28
C GLY A 751 -30.56 28.77 -16.51
N GLU A 752 -30.24 27.55 -16.07
CA GLU A 752 -28.91 26.93 -16.20
C GLU A 752 -29.06 25.42 -16.05
N LYS A 753 -28.49 24.66 -16.97
CA LYS A 753 -28.57 23.21 -16.97
C LYS A 753 -28.40 22.55 -15.59
N ASP A 754 -27.19 22.15 -15.25
CA ASP A 754 -26.95 21.52 -13.95
C ASP A 754 -26.12 22.41 -13.06
N THR A 755 -26.75 23.45 -12.51
CA THR A 755 -26.03 24.38 -11.66
C THR A 755 -26.76 24.76 -10.37
N TYR A 756 -26.00 24.98 -9.31
CA TYR A 756 -26.56 25.36 -8.02
C TYR A 756 -25.80 26.55 -7.45
N SER A 757 -26.47 27.28 -6.57
CA SER A 757 -25.88 28.44 -5.91
C SER A 757 -25.95 28.18 -4.42
N TYR A 758 -24.97 28.70 -3.70
CA TYR A 758 -24.90 28.46 -2.26
C TYR A 758 -25.85 29.56 -1.86
N LEU A 759 -26.91 29.22 -1.14
CA LEU A 759 -27.88 30.26 -0.74
C LEU A 759 -27.61 30.02 0.76
N ALA A 760 -27.41 31.11 1.49
CA ALA A 760 -27.14 31.02 2.92
C ALA A 760 -28.43 31.22 3.72
N LYS B 1 -36.16 -27.32 44.90
CA LYS B 1 -37.39 -27.52 44.09
C LYS B 1 -37.29 -26.77 42.76
N LYS B 2 -37.23 -25.43 42.86
CA LYS B 2 -37.14 -24.55 41.70
C LYS B 2 -36.56 -23.25 42.26
N ARG B 3 -35.28 -23.29 42.67
CA ARG B 3 -34.65 -22.12 43.28
C ARG B 3 -33.39 -21.55 42.67
N PHE B 4 -33.49 -20.28 42.30
CA PHE B 4 -32.39 -19.55 41.72
C PHE B 4 -32.26 -18.31 42.61
N GLU B 5 -31.03 -17.99 43.00
CA GLU B 5 -30.79 -16.84 43.85
C GLU B 5 -29.75 -15.99 43.18
N VAL B 6 -30.03 -14.70 43.07
CA VAL B 6 -29.13 -13.76 42.44
C VAL B 6 -27.90 -13.49 43.32
N LYS B 7 -26.75 -13.99 42.89
CA LYS B 7 -25.52 -13.81 43.65
C LYS B 7 -24.78 -12.60 43.16
N LYS B 8 -24.63 -12.49 41.84
CA LYS B 8 -23.95 -11.35 41.25
C LYS B 8 -24.93 -10.63 40.34
N TRP B 9 -24.59 -9.40 39.97
CA TRP B 9 -25.38 -8.64 39.03
C TRP B 9 -24.61 -7.44 38.55
N ASN B 10 -24.21 -7.48 37.30
CA ASN B 10 -23.47 -6.37 36.74
C ASN B 10 -24.43 -5.64 35.83
N ALA B 11 -24.81 -4.43 36.23
CA ALA B 11 -25.75 -3.66 35.43
C ALA B 11 -24.96 -2.73 34.56
N VAL B 12 -25.66 -2.04 33.69
CA VAL B 12 -25.04 -1.08 32.80
C VAL B 12 -26.11 -0.04 32.57
N ALA B 13 -25.70 1.21 32.61
CA ALA B 13 -26.66 2.27 32.42
C ALA B 13 -26.04 3.43 31.71
N LEU B 14 -26.87 4.15 30.98
CA LEU B 14 -26.42 5.32 30.29
C LEU B 14 -26.82 6.41 31.26
N TRP B 15 -26.10 7.53 31.21
CA TRP B 15 -26.42 8.65 32.07
C TRP B 15 -26.55 9.85 31.14
N ALA B 16 -27.69 10.51 31.21
CA ALA B 16 -27.97 11.68 30.38
C ALA B 16 -27.95 12.98 31.19
N TRP B 17 -28.82 13.87 30.89
CA TRP B 17 -28.90 15.07 31.52
C TRP B 17 -30.29 15.20 31.39
N ASP B 18 -30.64 15.70 32.46
CA ASP B 18 -31.92 15.65 32.71
C ASP B 18 -32.58 17.01 33.00
N ILE B 19 -32.84 17.64 31.86
CA ILE B 19 -33.58 18.85 31.60
C ILE B 19 -34.69 18.34 30.71
N VAL B 20 -35.08 17.17 31.19
CA VAL B 20 -36.06 16.21 30.78
C VAL B 20 -36.48 16.09 29.34
N VAL B 21 -36.34 14.89 28.97
CA VAL B 21 -37.03 14.28 27.90
C VAL B 21 -38.04 15.17 27.13
N ASP B 22 -38.85 15.89 27.98
CA ASP B 22 -39.93 16.85 27.70
C ASP B 22 -39.89 17.40 26.42
N ASN B 23 -39.31 16.70 25.65
CA ASN B 23 -39.21 17.47 24.57
C ASN B 23 -37.78 17.41 24.24
N CYS B 24 -37.52 18.16 23.24
CA CYS B 24 -36.20 18.24 22.64
C CYS B 24 -35.34 19.21 23.46
N ALA B 25 -35.57 20.50 23.25
CA ALA B 25 -34.87 21.58 23.93
C ALA B 25 -34.89 22.79 23.01
N ILE B 26 -34.18 22.68 21.89
CA ILE B 26 -34.09 23.75 20.91
C ILE B 26 -35.13 23.61 19.82
N CYS B 27 -36.38 23.53 20.25
CA CYS B 27 -37.56 23.41 19.39
C CYS B 27 -38.60 22.70 20.26
N ARG B 28 -38.09 22.02 21.28
CA ARG B 28 -38.88 21.27 22.25
C ARG B 28 -40.22 20.68 21.82
N ASN B 29 -40.25 19.37 21.73
CA ASN B 29 -41.44 18.61 21.37
C ASN B 29 -41.10 17.13 21.29
N HIS B 30 -40.36 16.68 22.30
CA HIS B 30 -39.93 15.29 22.43
C HIS B 30 -38.96 14.94 21.32
N ILE B 31 -38.07 13.99 21.59
CA ILE B 31 -37.15 13.57 20.56
C ILE B 31 -37.94 12.55 19.76
N MET B 32 -38.85 13.10 18.97
CA MET B 32 -39.76 12.38 18.10
C MET B 32 -39.39 12.79 16.68
N ASP B 33 -40.18 12.31 15.73
CA ASP B 33 -39.97 12.61 14.32
C ASP B 33 -40.55 14.00 14.05
N LEU B 34 -40.66 14.80 15.11
CA LEU B 34 -41.23 16.14 15.04
C LEU B 34 -40.18 17.21 14.78
N CYS B 35 -39.46 17.62 15.82
CA CYS B 35 -38.44 18.65 15.71
C CYS B 35 -39.03 19.92 15.11
N ILE B 36 -40.36 19.93 14.96
CA ILE B 36 -41.09 21.06 14.41
C ILE B 36 -41.10 21.10 12.88
N GLU B 37 -39.97 21.50 12.30
CA GLU B 37 -39.83 21.63 10.86
C GLU B 37 -40.27 20.43 10.03
N CYS B 38 -39.93 19.22 10.47
CA CYS B 38 -40.32 18.04 9.71
C CYS B 38 -41.81 17.73 9.81
N GLN B 39 -42.38 17.89 11.02
CA GLN B 39 -43.81 17.63 11.22
C GLN B 39 -44.65 18.31 10.13
N ALA B 40 -44.62 19.64 10.10
CA ALA B 40 -45.36 20.41 9.11
C ALA B 40 -44.86 20.05 7.71
N ASN B 41 -43.57 20.30 7.48
CA ASN B 41 -42.95 19.97 6.19
C ASN B 41 -42.67 18.48 6.17
N GLN B 42 -43.73 17.68 6.15
CA GLN B 42 -43.60 16.23 6.16
C GLN B 42 -43.70 15.64 4.75
N ALA B 43 -43.58 14.32 4.65
CA ALA B 43 -43.64 13.60 3.38
C ALA B 43 -42.46 13.99 2.50
N SER B 44 -41.48 14.67 3.10
CA SER B 44 -40.28 15.11 2.41
C SER B 44 -39.09 14.32 2.93
N ALA B 45 -38.13 14.04 2.04
CA ALA B 45 -36.93 13.28 2.43
C ALA B 45 -36.32 13.86 3.68
N THR B 46 -36.28 15.19 3.76
CA THR B 46 -35.71 15.89 4.90
C THR B 46 -36.37 15.49 6.22
N SER B 47 -37.59 14.96 6.17
CA SER B 47 -38.30 14.51 7.37
C SER B 47 -37.86 13.08 7.66
N GLU B 48 -37.90 12.26 6.61
CA GLU B 48 -37.47 10.87 6.69
C GLU B 48 -35.95 10.95 6.80
N GLU B 49 -35.47 11.45 7.94
CA GLU B 49 -34.04 11.61 8.20
C GLU B 49 -33.83 12.15 9.60
N CYS B 50 -34.92 12.62 10.20
CA CYS B 50 -34.93 13.18 11.54
C CYS B 50 -34.39 12.25 12.61
N THR B 51 -33.20 12.56 13.11
CA THR B 51 -32.57 11.74 14.16
C THR B 51 -32.04 12.62 15.27
N VAL B 52 -31.54 11.99 16.32
CA VAL B 52 -30.99 12.72 17.46
C VAL B 52 -29.52 12.99 17.19
N ALA B 53 -29.06 14.15 17.61
CA ALA B 53 -27.67 14.50 17.43
C ALA B 53 -27.18 14.64 18.83
N TRP B 54 -26.30 13.73 19.22
CA TRP B 54 -25.77 13.77 20.57
C TRP B 54 -24.63 14.75 20.72
N GLY B 55 -24.72 15.54 21.79
CA GLY B 55 -23.70 16.54 22.02
C GLY B 55 -22.29 16.02 22.20
N VAL B 56 -21.77 16.30 23.39
CA VAL B 56 -20.43 15.93 23.81
C VAL B 56 -20.54 16.42 25.23
N CYS B 57 -21.50 17.31 25.42
CA CYS B 57 -21.82 17.88 26.72
C CYS B 57 -22.93 16.98 27.24
N ASN B 58 -23.47 16.15 26.35
CA ASN B 58 -24.53 15.18 26.64
C ASN B 58 -25.94 15.77 26.72
N HIS B 59 -26.23 16.77 25.89
CA HIS B 59 -27.54 17.40 25.91
C HIS B 59 -28.45 16.92 24.79
N ALA B 60 -27.84 16.66 23.63
CA ALA B 60 -28.54 16.16 22.46
C ALA B 60 -29.87 16.81 22.10
N PHE B 61 -30.03 17.12 20.82
CA PHE B 61 -31.24 17.72 20.29
C PHE B 61 -31.45 17.02 18.96
N HIS B 62 -32.58 17.24 18.29
CA HIS B 62 -32.78 16.60 16.99
C HIS B 62 -31.58 17.03 16.15
N PHE B 63 -31.29 16.31 15.07
CA PHE B 63 -30.15 16.72 14.27
C PHE B 63 -30.44 18.16 13.86
N HIS B 64 -31.56 18.29 13.16
CA HIS B 64 -32.06 19.55 12.63
C HIS B 64 -32.10 20.70 13.62
N CYS B 65 -32.67 20.45 14.76
CA CYS B 65 -32.78 21.51 15.74
C CYS B 65 -31.39 22.15 16.04
N ILE B 66 -30.35 21.53 15.55
CA ILE B 66 -29.01 21.99 15.82
C ILE B 66 -28.30 22.41 14.51
N SER B 67 -28.52 21.65 13.45
CA SER B 67 -27.97 21.98 12.14
C SER B 67 -28.40 23.39 11.85
N ARG B 68 -29.52 23.55 12.34
CA ARG B 68 -30.12 24.83 12.08
C ARG B 68 -29.87 25.85 13.19
N TRP B 69 -29.89 25.42 14.11
CA TRP B 69 -28.77 26.51 14.83
C TRP B 69 -27.31 27.00 14.67
N LEU B 70 -26.54 26.09 14.15
CA LEU B 70 -25.13 26.31 13.90
C LEU B 70 -24.83 27.31 12.80
N LYS B 71 -25.70 27.33 11.79
CA LYS B 71 -25.56 28.26 10.66
C LYS B 71 -25.43 29.66 11.23
N THR B 72 -25.83 29.78 12.50
CA THR B 72 -25.80 31.04 13.22
C THR B 72 -24.75 30.99 14.34
N ARG B 73 -25.10 30.37 15.46
CA ARG B 73 -24.20 30.24 16.61
C ARG B 73 -23.63 28.84 16.73
N GLN B 74 -22.42 28.74 17.29
CA GLN B 74 -21.75 27.46 17.45
C GLN B 74 -21.81 26.92 18.87
N VAL B 75 -21.88 27.81 19.85
CA VAL B 75 -21.95 27.42 21.26
C VAL B 75 -23.05 26.37 21.48
N CYS B 76 -23.10 25.77 22.65
CA CYS B 76 -24.13 24.78 22.94
C CYS B 76 -25.34 25.45 23.59
N PRO B 77 -26.47 25.42 22.89
CA PRO B 77 -27.72 26.02 23.38
C PRO B 77 -28.20 25.46 24.71
N LEU B 78 -27.29 25.17 25.62
CA LEU B 78 -27.70 24.61 26.90
C LEU B 78 -26.54 24.52 27.90
N ASP B 79 -25.29 24.54 27.41
CA ASP B 79 -24.16 24.46 28.27
C ASP B 79 -23.08 25.45 27.88
N ASN B 80 -23.51 26.59 27.34
CA ASN B 80 -22.61 27.67 26.92
C ASN B 80 -21.58 27.25 25.87
N ARG B 81 -20.59 26.47 26.27
CA ARG B 81 -19.52 26.03 25.36
C ARG B 81 -20.02 25.50 24.01
N GLU B 82 -19.11 25.45 23.05
CA GLU B 82 -19.41 25.02 21.68
C GLU B 82 -19.88 23.58 21.47
N TRP B 83 -20.39 23.32 20.27
CA TRP B 83 -20.90 22.02 19.85
C TRP B 83 -19.72 21.07 19.63
N GLU B 84 -20.00 19.86 19.15
CA GLU B 84 -18.96 18.88 18.85
C GLU B 84 -19.51 17.70 18.06
N PHE B 85 -20.78 17.39 18.28
CA PHE B 85 -21.42 16.27 17.59
C PHE B 85 -20.85 14.93 18.07
N GLN B 86 -21.43 13.86 17.53
CA GLN B 86 -21.08 12.47 17.79
C GLN B 86 -22.34 11.63 17.97
N LYS B 87 -22.42 10.55 17.20
CA LYS B 87 -23.55 9.61 17.20
C LYS B 87 -24.79 10.21 16.55
N TYR B 88 -25.56 9.36 15.89
CA TYR B 88 -26.80 9.76 15.23
C TYR B 88 -27.89 8.72 15.47
ZN ZN C . -35.56 19.45 18.39
ZN ZN D . -24.73 20.52 25.50
ZN ZN E . -36.49 17.45 11.37
#